data_5H75
#
_entry.id   5H75
#
_cell.length_a   167.729
_cell.length_b   167.729
_cell.length_c   167.729
_cell.angle_alpha   90.00
_cell.angle_beta   90.00
_cell.angle_gamma   90.00
#
_symmetry.space_group_name_H-M   'P 21 3'
#
loop_
_entity.id
_entity.type
_entity.pdbx_description
1 polymer 'Mersacidin decarboxylase,Immunoglobulin G-binding protein A'
2 non-polymer 'FLAVIN-ADENINE DINUCLEOTIDE'
3 water water
#
_entity_poly.entity_id   1
_entity_poly.type   'polypeptide(L)'
_entity_poly.pdbx_seq_one_letter_code
;GSGGGGSMSISILKDKKLLIGICGSISSVGISSYLLYFKSFFKEIRVVMTKTAEDLIPAHTVSYFCDHVYSEHGENGKRH
SHVEIGRWADIYCIIPATANILGQTANGVAMNLVATTVLAHPHNTIFFPNMNDLMWNKTVVSRNIEQLRKDGHIVIEPVE
IMAFEIATGTRKPNRGLITPDKALLAIEQGFAFYEILHLPNLNEEQRNAFIQSLKDDPSQSANLLAEAKKLNDAQAPK
;
_entity_poly.pdbx_strand_id   A,B,C,D
#
# COMPACT_ATOMS: atom_id res chain seq x y z
N ASP A 15 43.37 -1.32 -11.68
CA ASP A 15 43.69 -2.73 -11.55
C ASP A 15 43.41 -3.29 -10.15
N LYS A 16 42.14 -3.24 -9.74
CA LYS A 16 41.72 -3.77 -8.46
C LYS A 16 40.49 -4.67 -8.64
N LYS A 17 39.65 -4.80 -7.61
CA LYS A 17 38.45 -5.63 -7.68
C LYS A 17 37.23 -4.78 -7.99
N LEU A 18 36.54 -5.14 -9.06
CA LEU A 18 35.38 -4.40 -9.57
C LEU A 18 34.12 -5.22 -9.38
N LEU A 19 33.13 -4.61 -8.72
CA LEU A 19 31.80 -5.20 -8.58
C LEU A 19 30.84 -4.37 -9.43
N ILE A 20 30.08 -5.05 -10.28
CA ILE A 20 29.15 -4.39 -11.19
C ILE A 20 27.74 -4.81 -10.81
N GLY A 21 26.89 -3.82 -10.53
CA GLY A 21 25.49 -4.06 -10.25
C GLY A 21 24.64 -3.75 -11.46
N ILE A 22 23.81 -4.72 -11.84
CA ILE A 22 22.98 -4.65 -13.02
C ILE A 22 21.53 -4.47 -12.57
N CYS A 23 20.87 -3.44 -13.09
CA CYS A 23 19.48 -3.20 -12.77
C CYS A 23 18.58 -3.54 -13.95
N GLY A 24 17.28 -3.48 -13.70
CA GLY A 24 16.28 -3.89 -14.68
C GLY A 24 16.07 -2.92 -15.81
N SER A 25 17.01 -2.90 -16.74
CA SER A 25 16.92 -2.12 -17.96
C SER A 25 17.18 -3.03 -19.15
N ILE A 26 16.60 -2.68 -20.31
CA ILE A 26 16.80 -3.49 -21.49
C ILE A 26 18.27 -3.50 -21.92
N SER A 27 18.99 -2.40 -21.67
CA SER A 27 20.40 -2.35 -22.00
C SER A 27 21.23 -3.40 -21.24
N SER A 28 20.68 -3.94 -20.14
CA SER A 28 21.36 -5.02 -19.44
C SER A 28 21.58 -6.23 -20.33
N VAL A 29 20.70 -6.43 -21.33
CA VAL A 29 20.86 -7.57 -22.22
C VAL A 29 22.19 -7.49 -22.95
N GLY A 30 22.73 -6.29 -23.13
CA GLY A 30 24.02 -6.15 -23.77
C GLY A 30 25.19 -5.99 -22.83
N ILE A 31 25.00 -6.21 -21.52
CA ILE A 31 26.03 -5.93 -20.53
C ILE A 31 27.34 -6.66 -20.82
N SER A 32 27.29 -7.78 -21.56
CA SER A 32 28.51 -8.51 -21.87
C SER A 32 29.52 -7.62 -22.57
N SER A 33 29.05 -6.75 -23.48
CA SER A 33 29.93 -5.85 -24.20
C SER A 33 30.82 -5.06 -23.25
N TYR A 34 30.33 -4.74 -22.05
CA TYR A 34 31.15 -4.05 -21.07
C TYR A 34 32.04 -5.03 -20.32
N LEU A 35 31.46 -6.13 -19.83
CA LEU A 35 32.21 -7.07 -18.99
C LEU A 35 33.48 -7.52 -19.70
N LEU A 36 33.33 -8.04 -20.91
CA LEU A 36 34.48 -8.49 -21.68
C LEU A 36 35.50 -7.38 -21.86
N TYR A 37 35.04 -6.17 -22.19
CA TYR A 37 35.97 -5.07 -22.38
C TYR A 37 36.72 -4.79 -21.09
N PHE A 38 36.01 -4.81 -19.96
CA PHE A 38 36.66 -4.56 -18.68
C PHE A 38 37.58 -5.70 -18.28
N LYS A 39 37.37 -6.91 -18.82
CA LYS A 39 38.07 -8.09 -18.30
C LYS A 39 39.59 -7.94 -18.40
N SER A 40 40.08 -7.22 -19.39
CA SER A 40 41.52 -7.05 -19.57
C SER A 40 42.10 -5.89 -18.77
N PHE A 41 41.35 -5.34 -17.81
CA PHE A 41 41.83 -4.16 -17.08
C PHE A 41 41.78 -4.34 -15.56
N PHE A 42 40.74 -4.95 -15.03
CA PHE A 42 40.62 -5.24 -13.62
C PHE A 42 41.12 -6.65 -13.34
N LYS A 43 41.63 -6.87 -12.12
CA LYS A 43 42.17 -8.17 -11.80
C LYS A 43 41.07 -9.20 -11.51
N GLU A 44 39.89 -8.75 -11.09
CA GLU A 44 38.77 -9.65 -10.84
C GLU A 44 37.48 -8.84 -10.95
N ILE A 45 36.49 -9.39 -11.65
CA ILE A 45 35.22 -8.70 -11.88
C ILE A 45 34.07 -9.62 -11.48
N ARG A 46 33.25 -9.17 -10.54
CA ARG A 46 32.05 -9.87 -10.13
C ARG A 46 30.83 -8.98 -10.34
N VAL A 47 29.67 -9.61 -10.40
CA VAL A 47 28.42 -8.95 -10.77
C VAL A 47 27.38 -9.26 -9.69
N VAL A 48 26.57 -8.26 -9.35
CA VAL A 48 25.38 -8.45 -8.52
C VAL A 48 24.17 -7.95 -9.31
N MET A 49 23.08 -8.71 -9.29
CA MET A 49 21.94 -8.41 -10.15
C MET A 49 20.68 -8.20 -9.34
N THR A 50 19.79 -7.37 -9.88
CA THR A 50 18.43 -7.27 -9.36
C THR A 50 17.56 -8.35 -10.00
N LYS A 51 16.34 -8.47 -9.52
CA LYS A 51 15.46 -9.51 -10.06
C LYS A 51 15.00 -9.17 -11.47
N THR A 52 14.66 -7.91 -11.74
CA THR A 52 14.24 -7.54 -13.08
C THR A 52 15.34 -7.78 -14.10
N ALA A 53 16.58 -7.44 -13.74
CA ALA A 53 17.70 -7.73 -14.63
C ALA A 53 17.80 -9.23 -14.90
N GLU A 54 17.54 -10.06 -13.88
CA GLU A 54 17.55 -11.50 -14.10
C GLU A 54 16.41 -11.96 -15.00
N ASP A 55 15.25 -11.32 -14.92
CA ASP A 55 14.15 -11.66 -15.83
C ASP A 55 14.52 -11.33 -17.27
N LEU A 56 15.27 -10.25 -17.48
CA LEU A 56 15.68 -9.92 -18.84
C LEU A 56 16.80 -10.85 -19.31
N ILE A 57 17.85 -10.98 -18.51
CA ILE A 57 18.98 -11.81 -18.88
C ILE A 57 19.38 -12.65 -17.67
N PRO A 58 19.35 -13.98 -17.79
CA PRO A 58 19.60 -14.83 -16.61
C PRO A 58 20.99 -14.64 -16.04
N ALA A 59 21.08 -14.83 -14.72
CA ALA A 59 22.36 -14.69 -14.04
C ALA A 59 23.38 -15.70 -14.59
N HIS A 60 22.92 -16.91 -14.93
CA HIS A 60 23.82 -17.90 -15.49
C HIS A 60 24.44 -17.43 -16.79
N THR A 61 23.71 -16.62 -17.56
CA THR A 61 24.26 -16.09 -18.81
C THR A 61 25.32 -15.03 -18.53
N VAL A 62 25.04 -14.12 -17.60
CA VAL A 62 26.02 -13.09 -17.25
C VAL A 62 27.29 -13.73 -16.69
N SER A 63 27.15 -14.86 -16.00
CA SER A 63 28.29 -15.52 -15.39
C SER A 63 29.32 -15.97 -16.42
N TYR A 64 28.92 -16.17 -17.68
CA TYR A 64 29.88 -16.52 -18.72
C TYR A 64 30.86 -15.39 -19.00
N PHE A 65 30.52 -14.16 -18.60
CA PHE A 65 31.31 -12.99 -18.96
C PHE A 65 32.00 -12.35 -17.76
N CYS A 66 31.94 -12.98 -16.60
CA CYS A 66 32.62 -12.45 -15.42
C CYS A 66 32.97 -13.63 -14.52
N ASP A 67 33.55 -13.31 -13.36
CA ASP A 67 34.06 -14.36 -12.48
C ASP A 67 32.98 -14.95 -11.58
N HIS A 68 31.99 -14.14 -11.19
CA HIS A 68 30.93 -14.61 -10.32
C HIS A 68 29.77 -13.64 -10.37
N VAL A 69 28.55 -14.17 -10.22
CA VAL A 69 27.32 -13.39 -10.24
C VAL A 69 26.57 -13.66 -8.93
N TYR A 70 26.35 -12.62 -8.15
CA TYR A 70 25.54 -12.73 -6.94
C TYR A 70 24.10 -12.40 -7.28
N SER A 71 23.20 -13.33 -7.03
CA SER A 71 21.77 -13.16 -7.20
C SER A 71 21.10 -13.11 -5.83
N GLU A 72 19.85 -12.65 -5.81
CA GLU A 72 19.09 -12.64 -4.56
C GLU A 72 18.47 -14.01 -4.25
N HIS A 73 18.75 -15.02 -5.07
CA HIS A 73 18.24 -16.38 -4.86
C HIS A 73 19.33 -17.43 -4.98
N GLU A 84 28.80 -8.86 2.58
CA GLU A 84 30.17 -9.29 2.34
C GLU A 84 30.71 -8.72 1.03
N ILE A 85 29.89 -8.79 -0.03
CA ILE A 85 30.32 -8.35 -1.35
C ILE A 85 30.65 -6.87 -1.40
N GLY A 86 30.08 -6.08 -0.49
CA GLY A 86 30.43 -4.67 -0.45
C GLY A 86 31.86 -4.45 0.03
N ARG A 87 32.34 -5.28 0.96
CA ARG A 87 33.71 -5.16 1.41
C ARG A 87 34.70 -5.80 0.44
N TRP A 88 34.25 -6.83 -0.28
CA TRP A 88 35.11 -7.47 -1.27
C TRP A 88 35.50 -6.51 -2.38
N ALA A 89 34.57 -5.66 -2.81
CA ALA A 89 34.83 -4.78 -3.93
C ALA A 89 35.72 -3.62 -3.53
N ASP A 90 36.68 -3.29 -4.40
CA ASP A 90 37.40 -2.04 -4.30
C ASP A 90 36.66 -0.92 -5.02
N ILE A 91 36.00 -1.22 -6.14
CA ILE A 91 35.20 -0.26 -6.87
C ILE A 91 33.82 -0.87 -7.12
N TYR A 92 32.77 -0.13 -6.79
CA TYR A 92 31.40 -0.58 -7.00
C TYR A 92 30.74 0.32 -8.03
N CYS A 93 30.36 -0.27 -9.15
CA CYS A 93 29.78 0.46 -10.28
C CYS A 93 28.45 -0.16 -10.63
N ILE A 94 27.41 0.67 -10.77
CA ILE A 94 26.06 0.20 -11.11
C ILE A 94 25.78 0.58 -12.55
N ILE A 95 25.72 -0.42 -13.42
CA ILE A 95 25.47 -0.19 -14.84
C ILE A 95 24.72 -1.36 -15.44
N PRO A 96 23.55 -1.09 -16.03
CA PRO A 96 22.89 0.22 -16.05
C PRO A 96 22.12 0.47 -14.75
N ALA A 97 21.91 1.73 -14.41
CA ALA A 97 21.16 2.10 -13.22
C ALA A 97 19.79 2.65 -13.62
N THR A 98 18.74 2.13 -13.01
CA THR A 98 17.37 2.56 -13.26
C THR A 98 17.03 3.75 -12.40
N ALA A 99 15.94 4.44 -12.77
CA ALA A 99 15.47 5.55 -11.94
C ALA A 99 15.16 5.08 -10.52
N ASN A 100 14.64 3.85 -10.41
CA ASN A 100 14.29 3.31 -9.11
C ASN A 100 15.50 3.17 -8.22
N ILE A 101 16.61 2.64 -8.76
CA ILE A 101 17.79 2.47 -7.92
C ILE A 101 18.34 3.83 -7.48
N LEU A 102 18.18 4.87 -8.31
CA LEU A 102 18.61 6.20 -7.91
C LEU A 102 17.72 6.72 -6.79
N GLY A 103 16.42 6.48 -6.88
CA GLY A 103 15.52 6.89 -5.81
C GLY A 103 15.82 6.19 -4.50
N GLN A 104 16.13 4.89 -4.56
CA GLN A 104 16.47 4.16 -3.33
C GLN A 104 17.77 4.68 -2.73
N THR A 105 18.84 4.69 -3.54
CA THR A 105 20.14 5.05 -3.02
C THR A 105 20.18 6.50 -2.54
N ALA A 106 19.47 7.40 -3.22
CA ALA A 106 19.50 8.81 -2.81
C ALA A 106 18.77 9.03 -1.49
N ASN A 107 17.78 8.20 -1.19
CA ASN A 107 16.99 8.37 0.03
C ASN A 107 17.37 7.37 1.11
N GLY A 108 18.47 6.64 0.94
CA GLY A 108 18.87 5.71 1.96
C GLY A 108 17.99 4.49 2.09
N VAL A 109 17.20 4.18 1.07
CA VAL A 109 16.37 2.99 1.06
C VAL A 109 17.17 1.89 0.38
N ALA A 110 17.19 0.70 0.98
CA ALA A 110 17.95 -0.44 0.45
C ALA A 110 17.07 -1.67 0.58
N MET A 111 16.32 -1.98 -0.47
CA MET A 111 15.43 -3.13 -0.45
C MET A 111 15.89 -4.29 -1.33
N ASN A 112 16.87 -4.07 -2.19
CA ASN A 112 17.48 -5.17 -2.92
C ASN A 112 18.97 -5.17 -2.65
N LEU A 113 19.64 -6.21 -3.13
CA LEU A 113 21.07 -6.35 -2.87
C LEU A 113 21.88 -5.27 -3.58
N VAL A 114 21.43 -4.80 -4.75
CA VAL A 114 22.15 -3.74 -5.46
C VAL A 114 22.12 -2.46 -4.66
N ALA A 115 20.96 -2.08 -4.15
CA ALA A 115 20.85 -0.86 -3.35
C ALA A 115 21.54 -1.01 -2.00
N THR A 116 21.47 -2.20 -1.39
CA THR A 116 22.14 -2.40 -0.10
C THR A 116 23.66 -2.31 -0.23
N THR A 117 24.22 -2.83 -1.33
CA THR A 117 25.67 -2.78 -1.50
C THR A 117 26.19 -1.34 -1.51
N VAL A 118 25.38 -0.38 -1.97
CA VAL A 118 25.79 1.02 -1.91
C VAL A 118 26.07 1.43 -0.47
N LEU A 119 25.18 1.05 0.46
CA LEU A 119 25.40 1.37 1.87
C LEU A 119 26.52 0.53 2.47
N ALA A 120 26.67 -0.72 2.04
CA ALA A 120 27.67 -1.60 2.63
C ALA A 120 29.06 -1.44 2.03
N HIS A 121 29.21 -0.65 0.98
CA HIS A 121 30.50 -0.46 0.34
C HIS A 121 31.31 0.58 1.10
N PRO A 122 32.57 0.31 1.45
CA PRO A 122 33.34 1.29 2.22
C PRO A 122 33.54 2.62 1.53
N HIS A 123 33.68 2.66 0.21
CA HIS A 123 33.88 3.95 -0.41
C HIS A 123 32.57 4.46 -1.02
N ASN A 124 32.67 5.04 -2.20
CA ASN A 124 31.55 5.69 -2.87
C ASN A 124 31.17 4.86 -4.09
N THR A 125 30.02 5.17 -4.68
CA THR A 125 29.52 4.37 -5.78
C THR A 125 29.42 5.19 -7.06
N ILE A 126 29.73 4.55 -8.18
CA ILE A 126 29.63 5.13 -9.51
C ILE A 126 28.39 4.57 -10.18
N PHE A 127 27.43 5.45 -10.47
CA PHE A 127 26.17 5.09 -11.12
C PHE A 127 26.24 5.45 -12.59
N PHE A 128 25.68 4.59 -13.43
CA PHE A 128 25.53 4.84 -14.87
C PHE A 128 24.03 4.80 -15.16
N PRO A 129 23.33 5.90 -14.94
CA PRO A 129 21.88 5.90 -15.18
C PRO A 129 21.57 5.65 -16.66
N ASN A 130 20.47 4.94 -16.89
CA ASN A 130 19.99 4.65 -18.23
C ASN A 130 18.48 4.56 -18.15
N MET A 131 17.77 5.44 -18.85
CA MET A 131 16.33 5.45 -18.80
C MET A 131 15.78 6.16 -20.03
N ASN A 132 14.46 6.14 -20.15
CA ASN A 132 13.80 6.83 -21.23
C ASN A 132 14.00 8.33 -21.08
N ASP A 133 13.85 9.03 -22.20
CA ASP A 133 14.09 10.47 -22.22
C ASP A 133 13.06 11.21 -21.36
N LEU A 134 11.86 10.64 -21.21
CA LEU A 134 10.84 11.23 -20.37
C LEU A 134 11.25 11.21 -18.91
N MET A 135 11.62 10.03 -18.41
CA MET A 135 11.98 9.88 -17.01
C MET A 135 13.21 10.71 -16.66
N TRP A 136 14.13 10.91 -17.61
CA TRP A 136 15.33 11.66 -17.30
C TRP A 136 15.01 13.12 -16.99
N ASN A 137 13.95 13.65 -17.59
CA ASN A 137 13.55 15.04 -17.38
C ASN A 137 12.49 15.21 -16.29
N LYS A 138 12.23 14.18 -15.50
CA LYS A 138 11.34 14.30 -14.36
C LYS A 138 12.05 14.97 -13.20
N THR A 139 11.30 15.82 -12.46
CA THR A 139 11.91 16.61 -11.40
C THR A 139 12.54 15.71 -10.34
N VAL A 140 11.82 14.66 -9.92
CA VAL A 140 12.34 13.78 -8.87
C VAL A 140 13.64 13.12 -9.29
N VAL A 141 13.76 12.75 -10.57
CA VAL A 141 14.97 12.06 -11.01
C VAL A 141 16.18 13.00 -10.94
N SER A 142 16.02 14.22 -11.46
CA SER A 142 17.09 15.21 -11.36
C SER A 142 17.44 15.48 -9.90
N ARG A 143 16.41 15.58 -9.04
CA ARG A 143 16.65 15.79 -7.62
C ARG A 143 17.46 14.66 -7.00
N ASN A 144 17.13 13.41 -7.33
CA ASN A 144 17.86 12.28 -6.77
C ASN A 144 19.28 12.21 -7.29
N ILE A 145 19.49 12.56 -8.58
CA ILE A 145 20.84 12.66 -9.11
C ILE A 145 21.65 13.68 -8.31
N GLU A 146 21.07 14.86 -8.09
CA GLU A 146 21.78 15.91 -7.35
C GLU A 146 22.03 15.51 -5.91
N GLN A 147 21.12 14.76 -5.31
CA GLN A 147 21.34 14.28 -3.95
C GLN A 147 22.47 13.26 -3.91
N LEU A 148 22.50 12.34 -4.88
CA LEU A 148 23.58 11.38 -4.94
C LEU A 148 24.92 12.07 -5.12
N ARG A 149 24.97 13.11 -5.96
CA ARG A 149 26.22 13.84 -6.14
C ARG A 149 26.62 14.57 -4.87
N LYS A 150 25.65 15.19 -4.18
CA LYS A 150 25.96 15.87 -2.91
C LYS A 150 26.43 14.91 -1.83
N ASP A 151 26.07 13.63 -1.93
CA ASP A 151 26.45 12.64 -0.92
C ASP A 151 27.79 11.97 -1.22
N GLY A 152 28.49 12.36 -2.28
CA GLY A 152 29.79 11.82 -2.59
C GLY A 152 29.82 10.80 -3.69
N HIS A 153 28.66 10.34 -4.16
CA HIS A 153 28.58 9.38 -5.24
C HIS A 153 28.79 10.09 -6.58
N ILE A 154 29.17 9.30 -7.58
CA ILE A 154 29.45 9.80 -8.92
C ILE A 154 28.36 9.30 -9.87
N VAL A 155 27.79 10.21 -10.64
CA VAL A 155 26.73 9.85 -11.58
C VAL A 155 27.18 10.23 -12.98
N ILE A 156 27.53 9.20 -13.78
CA ILE A 156 27.99 9.42 -15.14
C ILE A 156 26.80 9.82 -16.01
N GLU A 157 26.97 10.87 -16.78
CA GLU A 157 25.91 11.39 -17.64
C GLU A 157 25.76 10.48 -18.86
N PRO A 158 24.53 10.12 -19.24
CA PRO A 158 24.33 9.38 -20.50
C PRO A 158 24.42 10.33 -21.68
N VAL A 159 24.48 9.75 -22.88
CA VAL A 159 24.60 10.53 -24.12
C VAL A 159 23.39 10.28 -24.99
N GLU A 160 23.09 11.27 -25.84
CA GLU A 160 21.95 11.18 -26.74
C GLU A 160 22.34 10.33 -27.95
N ILE A 161 21.75 9.14 -28.06
CA ILE A 161 21.99 8.23 -29.17
C ILE A 161 20.66 7.81 -29.77
N MET A 162 20.62 6.68 -30.46
CA MET A 162 19.39 6.16 -31.03
C MET A 162 18.89 4.95 -30.23
N ALA A 163 17.63 4.62 -30.49
CA ALA A 163 16.90 3.50 -29.91
C ALA A 163 17.60 2.15 -30.28
N PHE A 164 17.11 0.95 -29.92
CA PHE A 164 15.72 0.53 -29.65
C PHE A 164 15.06 1.09 -28.40
N GLU A 165 13.81 1.51 -28.59
CA GLU A 165 12.93 1.98 -27.53
C GLU A 165 11.83 0.94 -27.36
N ILE A 166 11.82 0.26 -26.20
CA ILE A 166 10.89 -0.86 -26.00
C ILE A 166 9.44 -0.43 -26.19
N ALA A 167 9.11 0.79 -25.77
CA ALA A 167 7.72 1.24 -25.75
C ALA A 167 7.08 1.27 -27.13
N THR A 168 7.89 1.35 -28.19
CA THR A 168 7.37 1.38 -29.56
C THR A 168 8.47 0.88 -30.49
N GLY A 169 8.12 -0.04 -31.37
CA GLY A 169 9.11 -0.82 -32.11
C GLY A 169 10.16 -0.10 -32.94
N THR A 170 10.16 1.23 -32.93
CA THR A 170 10.98 2.00 -33.86
C THR A 170 12.24 2.55 -33.20
N ARG A 171 13.11 3.11 -34.06
CA ARG A 171 14.32 3.79 -33.63
C ARG A 171 14.01 5.27 -33.37
N LYS A 172 14.46 5.76 -32.23
CA LYS A 172 14.22 7.13 -31.77
C LYS A 172 15.44 7.57 -30.98
N PRO A 173 15.77 8.85 -31.00
CA PRO A 173 16.88 9.32 -30.16
C PRO A 173 16.49 9.34 -28.69
N ASN A 174 17.29 8.67 -27.86
CA ASN A 174 17.09 8.65 -26.42
C ASN A 174 18.44 8.76 -25.73
N ARG A 175 18.40 8.89 -24.40
CA ARG A 175 19.60 9.05 -23.59
C ARG A 175 20.08 7.68 -23.15
N GLY A 176 21.14 7.18 -23.79
CA GLY A 176 21.66 5.87 -23.57
C GLY A 176 23.05 5.89 -22.95
N LEU A 177 23.58 4.69 -22.72
CA LEU A 177 24.88 4.55 -22.09
C LEU A 177 26.00 4.91 -23.05
N ILE A 178 27.12 5.36 -22.49
CA ILE A 178 28.32 5.61 -23.28
C ILE A 178 28.97 4.28 -23.64
N THR A 179 29.88 4.33 -24.61
CA THR A 179 30.57 3.13 -25.05
C THR A 179 31.41 2.56 -23.90
N PRO A 180 31.75 1.26 -23.97
CA PRO A 180 32.57 0.65 -22.91
C PRO A 180 33.88 1.38 -22.65
N ASP A 181 34.56 1.87 -23.70
CA ASP A 181 35.83 2.56 -23.49
C ASP A 181 35.63 3.83 -22.66
N LYS A 182 34.67 4.67 -23.06
CA LYS A 182 34.41 5.90 -22.33
C LYS A 182 33.94 5.60 -20.91
N ALA A 183 33.21 4.49 -20.72
CA ALA A 183 32.81 4.10 -19.38
C ALA A 183 34.01 3.73 -18.54
N LEU A 184 34.96 2.97 -19.11
CA LEU A 184 36.18 2.63 -18.40
C LEU A 184 36.94 3.88 -17.98
N LEU A 185 37.07 4.84 -18.90
CA LEU A 185 37.72 6.10 -18.56
C LEU A 185 36.99 6.82 -17.44
N ALA A 186 35.65 6.78 -17.46
CA ALA A 186 34.87 7.43 -16.40
C ALA A 186 35.14 6.75 -15.06
N ILE A 187 35.27 5.42 -15.05
CA ILE A 187 35.54 4.71 -13.81
C ILE A 187 36.90 5.10 -13.26
N GLU A 188 37.94 5.07 -14.11
CA GLU A 188 39.27 5.49 -13.67
C GLU A 188 39.22 6.92 -13.12
N GLN A 189 38.61 7.84 -13.87
CA GLN A 189 38.50 9.23 -13.43
C GLN A 189 37.86 9.33 -12.04
N GLY A 190 36.78 8.58 -11.82
CA GLY A 190 36.13 8.60 -10.52
C GLY A 190 36.99 8.04 -9.40
N PHE A 191 37.69 6.94 -9.69
CA PHE A 191 38.61 6.35 -8.72
C PHE A 191 39.68 7.35 -8.31
N ALA A 192 40.30 8.00 -9.30
CA ALA A 192 41.28 9.03 -9.00
C ALA A 192 40.67 10.19 -8.23
N PHE A 193 39.41 10.51 -8.51
CA PHE A 193 38.72 11.55 -7.76
C PHE A 193 38.65 11.20 -6.28
N TYR A 194 38.07 10.03 -5.96
CA TYR A 194 37.95 9.66 -4.56
C TYR A 194 39.33 9.52 -3.90
N GLU A 195 40.31 9.00 -4.63
CA GLU A 195 41.63 8.80 -4.04
C GLU A 195 42.31 10.13 -3.73
N ILE A 196 42.17 11.10 -4.63
CA ILE A 196 42.79 12.41 -4.41
C ILE A 196 42.05 13.19 -3.32
N LEU A 197 40.71 13.12 -3.31
CA LEU A 197 39.91 13.85 -2.35
C LEU A 197 40.15 13.42 -0.91
N HIS A 198 40.67 12.22 -0.68
CA HIS A 198 40.84 11.70 0.67
C HIS A 198 42.30 11.46 1.01
N LEU A 199 43.19 12.29 0.46
CA LEU A 199 44.61 12.28 0.83
C LEU A 199 44.82 13.14 2.07
N PRO A 200 45.42 12.61 3.14
CA PRO A 200 45.43 13.32 4.43
C PRO A 200 46.18 14.65 4.45
N ASN A 201 47.47 14.65 4.11
CA ASN A 201 48.32 15.84 4.31
C ASN A 201 48.41 16.66 3.03
N LEU A 202 47.26 17.17 2.59
CA LEU A 202 47.19 18.00 1.40
C LEU A 202 46.27 19.18 1.66
N ASN A 203 46.48 20.24 0.89
CA ASN A 203 45.76 21.50 1.07
C ASN A 203 44.78 21.69 -0.08
N GLU A 204 43.85 22.63 0.14
CA GLU A 204 42.72 22.81 -0.77
C GLU A 204 43.17 23.14 -2.19
N GLU A 205 44.20 23.99 -2.34
CA GLU A 205 44.55 24.48 -3.66
C GLU A 205 45.19 23.40 -4.52
N GLN A 206 46.13 22.63 -3.95
CA GLN A 206 46.69 21.51 -4.70
C GLN A 206 45.65 20.42 -4.94
N ARG A 207 44.66 20.33 -4.05
CA ARG A 207 43.57 19.38 -4.24
C ARG A 207 42.76 19.74 -5.47
N ASN A 208 42.32 21.00 -5.54
CA ASN A 208 41.59 21.47 -6.72
C ASN A 208 42.48 21.50 -7.96
N ALA A 209 43.79 21.62 -7.79
CA ALA A 209 44.70 21.52 -8.92
C ALA A 209 44.72 20.11 -9.51
N PHE A 210 44.78 19.10 -8.64
CA PHE A 210 44.73 17.71 -9.13
C PHE A 210 43.35 17.36 -9.67
N ILE A 211 42.29 17.97 -9.12
CA ILE A 211 40.93 17.67 -9.57
C ILE A 211 40.65 18.34 -10.92
N GLN A 212 41.04 19.60 -11.07
CA GLN A 212 40.71 20.34 -12.30
C GLN A 212 41.42 19.76 -13.52
N SER A 213 42.63 19.24 -13.34
CA SER A 213 43.32 18.60 -14.45
C SER A 213 42.76 17.20 -14.75
N LEU A 214 41.98 16.65 -13.83
CA LEU A 214 41.26 15.40 -14.09
C LEU A 214 39.97 15.65 -14.86
N LYS A 215 39.32 16.79 -14.62
CA LYS A 215 38.11 17.17 -15.35
C LYS A 215 38.41 17.64 -16.76
N ASP A 216 39.68 17.84 -17.12
CA ASP A 216 40.07 18.23 -18.45
C ASP A 216 40.72 17.11 -19.25
N ASP A 217 41.29 16.11 -18.57
CA ASP A 217 41.94 14.99 -19.25
C ASP A 217 41.89 13.78 -18.34
N PRO A 218 40.87 12.91 -18.49
CA PRO A 218 40.75 11.75 -17.60
C PRO A 218 41.76 10.65 -17.92
N SER A 219 42.21 10.57 -19.18
CA SER A 219 43.24 9.60 -19.55
C SER A 219 44.58 9.88 -18.87
N GLN A 220 44.71 11.00 -18.18
CA GLN A 220 45.90 11.31 -17.40
C GLN A 220 45.78 10.84 -15.96
N SER A 221 44.68 10.18 -15.60
CA SER A 221 44.43 9.76 -14.22
C SER A 221 45.62 9.02 -13.63
N ALA A 222 46.23 8.14 -14.41
CA ALA A 222 47.39 7.38 -13.92
C ALA A 222 48.53 8.31 -13.54
N ASN A 223 48.85 9.27 -14.42
CA ASN A 223 49.99 10.15 -14.17
C ASN A 223 49.70 11.15 -13.05
N LEU A 224 48.46 11.64 -12.97
CA LEU A 224 48.12 12.61 -11.94
C LEU A 224 48.10 11.96 -10.56
N LEU A 225 47.34 10.87 -10.41
CA LEU A 225 47.26 10.19 -9.12
C LEU A 225 48.64 9.74 -8.65
N ALA A 226 49.45 9.17 -9.56
CA ALA A 226 50.80 8.78 -9.19
C ALA A 226 51.60 9.98 -8.69
N GLU A 227 51.35 11.16 -9.25
CA GLU A 227 52.01 12.37 -8.78
C GLU A 227 51.37 12.90 -7.50
N ALA A 228 50.10 12.59 -7.25
CA ALA A 228 49.44 13.05 -6.02
C ALA A 228 49.89 12.25 -4.81
N LYS A 229 50.21 10.96 -4.98
CA LYS A 229 50.66 10.16 -3.86
C LYS A 229 52.07 10.54 -3.43
N LYS A 230 52.93 10.89 -4.39
CA LYS A 230 54.32 11.21 -4.05
C LYS A 230 54.42 12.59 -3.42
N LEU A 231 53.51 13.51 -3.75
CA LEU A 231 53.39 14.74 -2.99
C LEU A 231 52.74 14.49 -1.64
N ASN A 232 52.03 13.37 -1.49
CA ASN A 232 51.48 12.99 -0.19
C ASN A 232 52.59 12.69 0.80
N ASP A 233 53.41 11.68 0.50
CA ASP A 233 54.44 11.25 1.42
C ASP A 233 55.52 12.31 1.59
N ALA A 234 55.71 13.16 0.58
CA ALA A 234 56.68 14.24 0.70
C ALA A 234 56.22 15.34 1.65
N GLN A 235 54.93 15.39 2.00
CA GLN A 235 54.40 16.41 2.89
C GLN A 235 53.90 15.83 4.21
N ALA A 236 54.27 14.60 4.53
CA ALA A 236 53.92 13.96 5.79
C ALA A 236 54.37 14.80 6.99
N LYS B 14 1.46 1.46 33.60
CA LYS B 14 2.59 1.07 32.79
C LYS B 14 2.56 -0.40 32.34
N ASP B 15 1.43 -1.06 32.56
CA ASP B 15 1.13 -2.37 31.98
C ASP B 15 0.54 -2.24 30.59
N LYS B 16 1.11 -1.34 29.81
CA LYS B 16 0.69 -1.06 28.45
C LYS B 16 1.13 -2.17 27.51
N LYS B 17 0.60 -2.15 26.29
CA LYS B 17 0.87 -3.19 25.31
C LYS B 17 2.02 -2.76 24.42
N LEU B 18 3.04 -3.62 24.32
CA LEU B 18 4.27 -3.33 23.61
C LEU B 18 4.38 -4.17 22.35
N LEU B 19 4.58 -3.49 21.22
CA LEU B 19 4.82 -4.13 19.93
C LEU B 19 6.26 -3.91 19.54
N ILE B 20 6.95 -4.98 19.18
CA ILE B 20 8.36 -4.93 18.82
C ILE B 20 8.50 -5.39 17.36
N GLY B 21 9.11 -4.53 16.53
CA GLY B 21 9.39 -4.86 15.15
C GLY B 21 10.83 -5.28 14.96
N ILE B 22 11.04 -6.43 14.34
CA ILE B 22 12.36 -7.01 14.13
C ILE B 22 12.75 -6.85 12.67
N CYS B 23 13.93 -6.30 12.42
CA CYS B 23 14.39 -6.11 11.05
C CYS B 23 15.49 -7.12 10.74
N GLY B 24 15.89 -7.15 9.48
CA GLY B 24 16.84 -8.16 9.06
C GLY B 24 18.26 -7.89 9.49
N SER B 25 18.53 -8.07 10.78
CA SER B 25 19.89 -7.94 11.29
C SER B 25 20.26 -9.19 12.05
N ILE B 26 21.56 -9.50 12.07
CA ILE B 26 22.02 -10.72 12.73
C ILE B 26 21.72 -10.69 14.23
N SER B 27 21.69 -9.49 14.82
CA SER B 27 21.35 -9.37 16.24
C SER B 27 19.95 -9.87 16.55
N SER B 28 19.09 -9.98 15.54
CA SER B 28 17.77 -10.57 15.75
C SER B 28 17.85 -11.97 16.30
N VAL B 29 18.94 -12.69 16.01
CA VAL B 29 19.09 -14.05 16.52
C VAL B 29 19.04 -14.06 18.04
N GLY B 30 19.46 -12.97 18.67
CA GLY B 30 19.42 -12.85 20.11
C GLY B 30 18.25 -12.08 20.66
N ILE B 31 17.23 -11.78 19.84
CA ILE B 31 16.14 -10.90 20.27
C ILE B 31 15.43 -11.42 21.51
N SER B 32 15.48 -12.73 21.75
CA SER B 32 14.85 -13.29 22.94
C SER B 32 15.41 -12.66 24.22
N SER B 33 16.73 -12.43 24.26
CA SER B 33 17.33 -11.77 25.42
C SER B 33 16.64 -10.45 25.72
N TYR B 34 16.18 -9.76 24.68
CA TYR B 34 15.42 -8.53 24.91
C TYR B 34 13.97 -8.85 25.24
N LEU B 35 13.33 -9.71 24.45
CA LEU B 35 11.91 -10.00 24.65
C LEU B 35 11.64 -10.46 26.08
N LEU B 36 12.35 -11.48 26.53
CA LEU B 36 12.17 -11.98 27.87
C LEU B 36 12.38 -10.87 28.90
N TYR B 37 13.42 -10.05 28.71
CA TYR B 37 13.63 -9.00 29.69
C TYR B 37 12.45 -8.03 29.66
N PHE B 38 11.97 -7.68 28.48
CA PHE B 38 10.83 -6.77 28.41
C PHE B 38 9.60 -7.44 28.97
N LYS B 39 9.54 -8.78 28.86
CA LYS B 39 8.38 -9.50 29.34
C LYS B 39 8.29 -9.38 30.86
N SER B 40 9.43 -9.17 31.53
CA SER B 40 9.43 -9.09 32.98
C SER B 40 9.04 -7.71 33.49
N PHE B 41 8.64 -6.82 32.59
CA PHE B 41 8.05 -5.54 32.97
C PHE B 41 6.66 -5.34 32.40
N PHE B 42 6.49 -5.47 31.08
CA PHE B 42 5.18 -5.35 30.44
C PHE B 42 4.44 -6.67 30.52
N LYS B 43 3.12 -6.60 30.76
CA LYS B 43 2.36 -7.83 30.87
C LYS B 43 2.11 -8.47 29.51
N GLU B 44 1.99 -7.69 28.44
CA GLU B 44 1.70 -8.27 27.14
C GLU B 44 2.63 -7.67 26.08
N ILE B 45 3.31 -8.54 25.33
CA ILE B 45 4.27 -8.15 24.31
C ILE B 45 4.02 -8.95 23.04
N ARG B 46 3.86 -8.25 21.92
CA ARG B 46 3.72 -8.88 20.62
C ARG B 46 4.83 -8.39 19.70
N VAL B 47 5.09 -9.17 18.66
CA VAL B 47 6.20 -8.96 17.75
C VAL B 47 5.71 -8.99 16.31
N VAL B 48 6.21 -8.06 15.48
CA VAL B 48 6.01 -8.09 14.03
C VAL B 48 7.39 -8.11 13.37
N MET B 49 7.55 -8.93 12.34
CA MET B 49 8.85 -9.22 11.77
C MET B 49 8.89 -8.86 10.28
N THR B 50 10.09 -8.52 9.80
CA THR B 50 10.29 -8.44 8.36
C THR B 50 10.61 -9.84 7.82
N LYS B 51 10.59 -9.97 6.50
CA LYS B 51 10.92 -11.24 5.88
C LYS B 51 12.37 -11.63 6.16
N THR B 52 13.30 -10.66 6.08
CA THR B 52 14.71 -10.98 6.30
C THR B 52 14.95 -11.48 7.72
N ALA B 53 14.33 -10.82 8.70
CA ALA B 53 14.43 -11.31 10.07
C ALA B 53 13.91 -12.74 10.18
N GLU B 54 12.84 -13.07 9.47
CA GLU B 54 12.34 -14.44 9.50
C GLU B 54 13.32 -15.40 8.86
N ASP B 55 14.05 -14.96 7.83
CA ASP B 55 15.05 -15.84 7.24
C ASP B 55 16.18 -16.11 8.23
N LEU B 56 16.55 -15.11 9.03
CA LEU B 56 17.59 -15.33 10.02
C LEU B 56 17.07 -16.15 11.20
N ILE B 57 15.93 -15.78 11.75
CA ILE B 57 15.36 -16.51 12.88
C ILE B 57 13.87 -16.71 12.64
N PRO B 58 13.39 -17.95 12.59
CA PRO B 58 11.99 -18.20 12.22
C PRO B 58 11.01 -17.56 13.19
N ALA B 59 9.85 -17.16 12.66
CA ALA B 59 8.82 -16.56 13.49
C ALA B 59 8.34 -17.52 14.56
N HIS B 60 8.29 -18.82 14.25
CA HIS B 60 7.90 -19.81 15.26
C HIS B 60 8.90 -19.86 16.41
N THR B 61 10.17 -19.60 16.14
CA THR B 61 11.16 -19.55 17.21
C THR B 61 10.96 -18.33 18.09
N VAL B 62 10.79 -17.15 17.46
CA VAL B 62 10.54 -15.92 18.20
C VAL B 62 9.25 -16.01 19.01
N SER B 63 8.26 -16.76 18.52
CA SER B 63 6.98 -16.88 19.19
C SER B 63 7.09 -17.55 20.55
N TYR B 64 8.14 -18.33 20.79
CA TYR B 64 8.33 -18.92 22.10
C TYR B 64 8.58 -17.86 23.17
N PHE B 65 8.95 -16.64 22.78
CA PHE B 65 9.40 -15.62 23.71
C PHE B 65 8.46 -14.43 23.80
N CYS B 66 7.28 -14.49 23.18
CA CYS B 66 6.31 -13.41 23.27
C CYS B 66 4.92 -13.97 23.10
N ASP B 67 3.93 -13.08 23.09
CA ASP B 67 2.54 -13.51 23.06
C ASP B 67 2.05 -13.82 21.65
N HIS B 68 2.57 -13.12 20.64
CA HIS B 68 2.13 -13.34 19.27
C HIS B 68 3.14 -12.71 18.31
N VAL B 69 3.32 -13.35 17.16
CA VAL B 69 4.25 -12.87 16.13
C VAL B 69 3.46 -12.64 14.85
N TYR B 70 3.43 -11.39 14.40
CA TYR B 70 2.80 -11.03 13.14
C TYR B 70 3.83 -11.17 12.03
N SER B 71 3.53 -12.00 11.05
CA SER B 71 4.42 -12.24 9.93
C SER B 71 3.86 -11.62 8.66
N GLU B 72 4.72 -11.53 7.66
CA GLU B 72 4.36 -11.06 6.33
C GLU B 72 3.70 -12.16 5.50
N HIS B 73 3.30 -13.25 6.13
CA HIS B 73 2.67 -14.38 5.43
C HIS B 73 1.30 -14.68 6.01
N GLU B 84 -4.77 -1.73 13.11
CA GLU B 84 -4.90 -2.95 13.90
C GLU B 84 -3.72 -3.11 14.84
N ILE B 85 -2.61 -3.72 14.37
CA ILE B 85 -1.51 -3.91 15.30
C ILE B 85 -0.90 -2.57 15.68
N GLY B 86 -1.04 -1.56 14.83
CA GLY B 86 -0.57 -0.24 15.20
C GLY B 86 -1.43 0.39 16.28
N ARG B 87 -2.75 0.15 16.23
CA ARG B 87 -3.64 0.66 17.26
C ARG B 87 -3.65 -0.23 18.49
N TRP B 88 -3.38 -1.53 18.34
CA TRP B 88 -3.28 -2.42 19.49
C TRP B 88 -2.14 -2.00 20.40
N ALA B 89 -1.02 -1.61 19.82
CA ALA B 89 0.15 -1.26 20.59
C ALA B 89 -0.03 0.12 21.23
N ASP B 90 0.32 0.22 22.51
CA ASP B 90 0.50 1.53 23.13
C ASP B 90 1.89 2.06 22.87
N ILE B 91 2.88 1.17 22.82
CA ILE B 91 4.26 1.52 22.56
C ILE B 91 4.73 0.65 21.40
N TYR B 92 5.28 1.28 20.38
CA TYR B 92 5.84 0.59 19.22
C TYR B 92 7.33 0.84 19.17
N CYS B 93 8.11 -0.24 19.25
CA CYS B 93 9.56 -0.15 19.28
C CYS B 93 10.11 -1.06 18.20
N ILE B 94 11.04 -0.55 17.40
CA ILE B 94 11.68 -1.32 16.34
C ILE B 94 13.09 -1.64 16.79
N ILE B 95 13.33 -2.90 17.14
CA ILE B 95 14.65 -3.32 17.59
C ILE B 95 14.88 -4.77 17.20
N PRO B 96 15.95 -5.02 16.42
CA PRO B 96 16.84 -3.99 15.89
C PRO B 96 16.28 -3.31 14.64
N ALA B 97 16.70 -2.08 14.38
CA ALA B 97 16.27 -1.34 13.20
C ALA B 97 17.42 -1.25 12.22
N THR B 98 17.16 -1.61 10.97
CA THR B 98 18.16 -1.55 9.91
C THR B 98 18.15 -0.17 9.26
N ALA B 99 19.23 0.12 8.51
CA ALA B 99 19.28 1.36 7.74
C ALA B 99 18.10 1.44 6.79
N ASN B 100 17.70 0.31 6.22
CA ASN B 100 16.60 0.31 5.26
C ASN B 100 15.30 0.76 5.92
N ILE B 101 15.03 0.25 7.13
CA ILE B 101 13.79 0.64 7.80
C ILE B 101 13.83 2.12 8.17
N LEU B 102 15.01 2.67 8.45
CA LEU B 102 15.12 4.10 8.74
C LEU B 102 14.86 4.93 7.48
N GLY B 103 15.39 4.48 6.34
CA GLY B 103 15.13 5.19 5.10
C GLY B 103 13.66 5.15 4.73
N GLN B 104 13.01 4.01 4.92
CA GLN B 104 11.60 3.91 4.60
C GLN B 104 10.77 4.79 5.51
N THR B 105 10.91 4.62 6.83
CA THR B 105 10.05 5.35 7.75
C THR B 105 10.29 6.84 7.69
N ALA B 106 11.54 7.26 7.46
CA ALA B 106 11.85 8.68 7.39
C ALA B 106 11.27 9.33 6.13
N ASN B 107 11.06 8.58 5.05
CA ASN B 107 10.57 9.15 3.81
C ASN B 107 9.09 8.88 3.57
N GLY B 108 8.38 8.31 4.55
CA GLY B 108 6.97 8.01 4.38
C GLY B 108 6.71 6.85 3.45
N VAL B 109 7.71 6.01 3.22
CA VAL B 109 7.59 4.81 2.43
C VAL B 109 7.33 3.62 3.35
N ALA B 110 6.34 2.80 3.00
CA ALA B 110 5.94 1.67 3.83
C ALA B 110 5.72 0.48 2.91
N MET B 111 6.75 -0.35 2.78
CA MET B 111 6.70 -1.48 1.87
C MET B 111 6.63 -2.83 2.56
N ASN B 112 6.91 -2.90 3.86
CA ASN B 112 6.68 -4.09 4.65
C ASN B 112 5.81 -3.72 5.85
N LEU B 113 5.39 -4.75 6.59
CA LEU B 113 4.46 -4.52 7.70
C LEU B 113 5.11 -3.72 8.84
N VAL B 114 6.42 -3.86 9.06
CA VAL B 114 7.10 -3.11 10.11
C VAL B 114 7.06 -1.62 9.78
N ALA B 115 7.40 -1.26 8.55
CA ALA B 115 7.40 0.16 8.18
C ALA B 115 5.99 0.72 8.15
N THR B 116 5.02 -0.08 7.72
CA THR B 116 3.65 0.41 7.70
C THR B 116 3.14 0.70 9.11
N THR B 117 3.48 -0.15 10.08
CA THR B 117 2.98 0.05 11.43
C THR B 117 3.42 1.41 12.00
N VAL B 118 4.58 1.91 11.59
CA VAL B 118 5.00 3.26 12.00
C VAL B 118 3.97 4.30 11.59
N LEU B 119 3.45 4.19 10.37
CA LEU B 119 2.44 5.15 9.94
C LEU B 119 1.10 4.88 10.60
N ALA B 120 0.77 3.61 10.83
CA ALA B 120 -0.53 3.27 11.37
C ALA B 120 -0.60 3.37 12.89
N HIS B 121 0.52 3.60 13.55
CA HIS B 121 0.55 3.72 15.00
C HIS B 121 0.16 5.14 15.41
N PRO B 122 -0.77 5.30 16.35
CA PRO B 122 -1.22 6.67 16.70
C PRO B 122 -0.13 7.59 17.18
N HIS B 123 0.80 7.15 18.03
CA HIS B 123 1.81 8.11 18.42
C HIS B 123 3.13 7.84 17.68
N ASN B 124 4.25 8.05 18.38
CA ASN B 124 5.57 8.00 17.78
C ASN B 124 6.22 6.63 18.02
N THR B 125 7.35 6.40 17.37
CA THR B 125 8.04 5.12 17.36
C THR B 125 9.43 5.26 17.95
N ILE B 126 9.88 4.21 18.64
CA ILE B 126 11.22 4.14 19.22
C ILE B 126 12.06 3.19 18.37
N PHE B 127 13.11 3.71 17.75
CA PHE B 127 14.01 2.95 16.91
C PHE B 127 15.30 2.62 17.66
N PHE B 128 15.80 1.40 17.44
CA PHE B 128 17.09 0.96 17.97
C PHE B 128 17.96 0.55 16.79
N PRO B 129 18.62 1.51 16.13
CA PRO B 129 19.45 1.17 14.97
C PRO B 129 20.60 0.24 15.36
N ASN B 130 20.93 -0.66 14.44
CA ASN B 130 22.04 -1.59 14.62
C ASN B 130 22.65 -1.87 13.26
N MET B 131 23.91 -1.47 13.08
CA MET B 131 24.60 -1.70 11.80
C MET B 131 26.10 -1.58 12.04
N ASN B 132 26.88 -1.96 11.03
CA ASN B 132 28.32 -1.77 11.10
C ASN B 132 28.67 -0.28 10.99
N ASP B 133 29.88 0.06 11.40
CA ASP B 133 30.29 1.47 11.44
C ASP B 133 30.33 2.06 10.03
N LEU B 134 30.56 1.22 9.01
CA LEU B 134 30.61 1.72 7.64
C LEU B 134 29.25 2.27 7.21
N MET B 135 28.20 1.45 7.34
CA MET B 135 26.87 1.93 6.98
C MET B 135 26.44 3.09 7.87
N TRP B 136 26.85 3.06 9.15
CA TRP B 136 26.47 4.11 10.09
C TRP B 136 27.07 5.46 9.73
N ASN B 137 28.25 5.47 9.10
CA ASN B 137 28.89 6.72 8.77
C ASN B 137 28.52 7.23 7.39
N LYS B 138 27.51 6.63 6.76
CA LYS B 138 27.01 7.13 5.48
C LYS B 138 26.10 8.32 5.71
N THR B 139 26.20 9.31 4.82
CA THR B 139 25.47 10.56 5.00
C THR B 139 23.96 10.33 5.02
N VAL B 140 23.45 9.49 4.12
CA VAL B 140 22.00 9.28 4.05
C VAL B 140 21.46 8.70 5.37
N VAL B 141 22.23 7.85 6.05
CA VAL B 141 21.73 7.23 7.28
C VAL B 141 21.57 8.29 8.38
N SER B 142 22.60 9.12 8.58
CA SER B 142 22.49 10.21 9.55
C SER B 142 21.35 11.15 9.17
N ARG B 143 21.21 11.43 7.87
CA ARG B 143 20.13 12.30 7.41
C ARG B 143 18.77 11.72 7.78
N ASN B 144 18.59 10.42 7.59
CA ASN B 144 17.29 9.81 7.91
C ASN B 144 17.06 9.79 9.40
N ILE B 145 18.11 9.54 10.20
CA ILE B 145 17.97 9.59 11.65
C ILE B 145 17.49 10.97 12.07
N GLU B 146 18.16 12.03 11.60
CA GLU B 146 17.79 13.38 12.01
C GLU B 146 16.40 13.74 11.52
N GLN B 147 15.99 13.21 10.37
CA GLN B 147 14.65 13.46 9.88
C GLN B 147 13.60 12.79 10.76
N LEU B 148 13.87 11.55 11.17
CA LEU B 148 12.99 10.85 12.10
C LEU B 148 12.89 11.60 13.41
N ARG B 149 14.01 12.13 13.90
CA ARG B 149 13.97 12.89 15.15
C ARG B 149 13.15 14.15 14.99
N LYS B 150 13.32 14.85 13.86
CA LYS B 150 12.55 16.07 13.61
C LYS B 150 11.05 15.78 13.48
N ASP B 151 10.67 14.56 13.12
CA ASP B 151 9.27 14.19 12.95
C ASP B 151 8.64 13.68 14.23
N GLY B 152 9.38 13.66 15.34
CA GLY B 152 8.84 13.24 16.62
C GLY B 152 9.22 11.85 17.05
N HIS B 153 9.85 11.07 16.19
CA HIS B 153 10.26 9.73 16.58
C HIS B 153 11.53 9.80 17.44
N ILE B 154 11.76 8.74 18.20
CA ILE B 154 12.89 8.64 19.10
C ILE B 154 13.84 7.59 18.54
N VAL B 155 15.12 7.94 18.44
CA VAL B 155 16.14 7.05 17.91
C VAL B 155 17.17 6.85 19.00
N ILE B 156 17.19 5.67 19.61
CA ILE B 156 18.14 5.35 20.66
C ILE B 156 19.53 5.16 20.05
N GLU B 157 20.52 5.83 20.62
CA GLU B 157 21.87 5.77 20.05
C GLU B 157 22.54 4.43 20.34
N PRO B 158 23.17 3.82 19.35
CA PRO B 158 23.93 2.59 19.58
C PRO B 158 25.29 2.87 20.20
N VAL B 159 25.97 1.79 20.60
CA VAL B 159 27.28 1.86 21.23
C VAL B 159 28.31 1.25 20.31
N GLU B 160 29.56 1.67 20.49
CA GLU B 160 30.67 1.26 19.65
C GLU B 160 31.24 -0.07 20.15
N ILE B 161 31.16 -1.10 19.32
CA ILE B 161 31.74 -2.40 19.65
C ILE B 161 32.53 -2.93 18.45
N ARG B 175 29.30 -1.27 15.83
CA ARG B 175 28.19 -0.49 16.37
C ARG B 175 26.99 -1.38 16.72
N GLY B 176 26.83 -1.68 18.02
CA GLY B 176 25.83 -2.62 18.47
C GLY B 176 24.77 -2.01 19.38
N LEU B 177 23.83 -2.86 19.76
CA LEU B 177 22.73 -2.46 20.64
C LEU B 177 23.18 -2.35 22.09
N ILE B 178 22.47 -1.53 22.86
CA ILE B 178 22.69 -1.50 24.30
C ILE B 178 22.04 -2.74 24.92
N THR B 179 22.44 -3.03 26.15
CA THR B 179 21.92 -4.21 26.84
C THR B 179 20.42 -4.10 27.04
N PRO B 180 19.74 -5.24 27.24
CA PRO B 180 18.27 -5.21 27.42
C PRO B 180 17.78 -4.31 28.54
N ASP B 181 18.43 -4.30 29.71
CA ASP B 181 17.95 -3.45 30.81
C ASP B 181 17.93 -1.98 30.41
N LYS B 182 19.02 -1.51 29.80
CA LYS B 182 19.05 -0.14 29.32
C LYS B 182 18.04 0.08 28.20
N ALA B 183 17.76 -0.95 27.40
CA ALA B 183 16.73 -0.82 26.36
C ALA B 183 15.34 -0.62 26.96
N LEU B 184 15.02 -1.37 28.01
CA LEU B 184 13.76 -1.18 28.73
C LEU B 184 13.67 0.22 29.34
N LEU B 185 14.77 0.67 29.97
CA LEU B 185 14.79 2.02 30.52
C LEU B 185 14.58 3.06 29.43
N ALA B 186 15.18 2.84 28.25
CA ALA B 186 15.00 3.76 27.13
C ALA B 186 13.56 3.79 26.65
N ILE B 187 12.90 2.62 26.60
CA ILE B 187 11.50 2.57 26.17
C ILE B 187 10.61 3.33 27.15
N GLU B 188 10.78 3.08 28.46
CA GLU B 188 10.01 3.84 29.46
C GLU B 188 10.24 5.34 29.31
N GLN B 189 11.51 5.74 29.26
CA GLN B 189 11.87 7.15 29.13
C GLN B 189 11.20 7.77 27.90
N GLY B 190 11.24 7.08 26.76
CA GLY B 190 10.64 7.61 25.54
C GLY B 190 9.14 7.74 25.62
N PHE B 191 8.47 6.72 26.16
CA PHE B 191 7.03 6.79 26.33
C PHE B 191 6.63 7.98 27.20
N ALA B 192 7.29 8.12 28.35
CA ALA B 192 7.02 9.26 29.22
C ALA B 192 7.37 10.59 28.56
N PHE B 193 8.40 10.61 27.71
CA PHE B 193 8.72 11.82 26.96
C PHE B 193 7.54 12.26 26.13
N TYR B 194 7.06 11.37 25.26
CA TYR B 194 5.93 11.75 24.41
C TYR B 194 4.70 12.12 25.23
N GLU B 195 4.43 11.37 26.30
CA GLU B 195 3.22 11.62 27.08
C GLU B 195 3.28 12.99 27.77
N ILE B 196 4.44 13.33 28.33
CA ILE B 196 4.56 14.61 29.02
C ILE B 196 4.54 15.77 28.03
N LEU B 197 5.21 15.61 26.89
CA LEU B 197 5.26 16.70 25.92
C LEU B 197 3.89 17.08 25.39
N HIS B 198 2.91 16.17 25.48
CA HIS B 198 1.59 16.37 24.89
C HIS B 198 0.48 16.43 25.94
N LEU B 199 0.75 17.04 27.08
CA LEU B 199 -0.29 17.26 28.07
C LEU B 199 -1.09 18.51 27.72
N PRO B 200 -2.42 18.40 27.49
CA PRO B 200 -3.18 19.53 26.90
C PRO B 200 -3.28 20.77 27.77
N ASN B 201 -3.93 20.67 28.93
CA ASN B 201 -4.20 21.82 29.79
C ASN B 201 -3.20 21.92 30.92
N LEU B 202 -1.93 21.96 30.56
CA LEU B 202 -0.78 22.04 31.45
C LEU B 202 0.22 23.00 30.82
N ASN B 203 1.02 23.64 31.67
CA ASN B 203 1.84 24.74 31.19
C ASN B 203 3.33 24.37 31.13
N GLU B 204 4.06 25.24 30.42
CA GLU B 204 5.47 25.03 30.11
C GLU B 204 6.30 24.86 31.38
N GLU B 205 5.85 25.45 32.49
CA GLU B 205 6.52 25.38 33.78
C GLU B 205 6.52 23.95 34.32
N GLN B 206 5.33 23.42 34.60
CA GLN B 206 5.18 22.07 35.12
C GLN B 206 5.61 21.02 34.10
N ARG B 207 5.45 21.32 32.81
CA ARG B 207 5.86 20.38 31.77
C ARG B 207 7.38 20.22 31.73
N ASN B 208 8.11 21.34 31.66
CA ASN B 208 9.56 21.23 31.68
C ASN B 208 10.06 20.70 33.02
N ALA B 209 9.30 20.92 34.09
CA ALA B 209 9.65 20.32 35.38
C ALA B 209 9.55 18.80 35.33
N PHE B 210 8.49 18.27 34.73
CA PHE B 210 8.38 16.82 34.60
C PHE B 210 9.40 16.26 33.63
N ILE B 211 9.81 17.04 32.63
CA ILE B 211 10.75 16.54 31.63
C ILE B 211 12.16 16.46 32.21
N GLN B 212 12.59 17.48 32.95
CA GLN B 212 13.97 17.47 33.41
C GLN B 212 14.23 16.31 34.36
N SER B 213 13.24 15.91 35.14
CA SER B 213 13.38 14.78 36.05
C SER B 213 13.34 13.44 35.34
N LEU B 214 12.95 13.40 34.05
CA LEU B 214 13.02 12.17 33.28
C LEU B 214 14.42 11.92 32.73
N LYS B 215 15.13 12.98 32.38
CA LYS B 215 16.49 12.84 31.87
C LYS B 215 17.48 12.51 32.97
N ASP B 216 17.07 12.56 34.23
CA ASP B 216 17.94 12.24 35.36
C ASP B 216 17.64 10.90 36.02
N ASP B 217 16.42 10.38 35.89
CA ASP B 217 16.06 9.09 36.47
C ASP B 217 14.95 8.48 35.64
N PRO B 218 15.29 7.66 34.65
CA PRO B 218 14.25 7.10 33.76
C PRO B 218 13.41 6.02 34.42
N SER B 219 13.95 5.32 35.42
CA SER B 219 13.17 4.35 36.17
C SER B 219 12.06 5.00 36.98
N GLN B 220 12.05 6.33 37.06
CA GLN B 220 10.97 7.05 37.73
C GLN B 220 9.83 7.37 36.79
N SER B 221 9.93 6.96 35.51
CA SER B 221 8.93 7.34 34.52
C SER B 221 7.52 7.06 35.00
N ALA B 222 7.29 5.83 35.48
CA ALA B 222 5.95 5.44 35.92
C ALA B 222 5.45 6.39 37.00
N ASN B 223 6.31 6.73 37.97
CA ASN B 223 5.88 7.60 39.06
C ASN B 223 5.68 9.03 38.57
N LEU B 224 6.53 9.48 37.64
CA LEU B 224 6.42 10.85 37.14
C LEU B 224 5.16 11.03 36.31
N LEU B 225 4.99 10.19 35.29
CA LEU B 225 3.83 10.30 34.41
C LEU B 225 2.51 10.18 35.17
N ALA B 226 2.43 9.23 36.11
CA ALA B 226 1.23 9.10 36.93
C ALA B 226 0.92 10.38 37.68
N GLU B 227 1.95 11.13 38.09
CA GLU B 227 1.72 12.41 38.74
C GLU B 227 1.39 13.51 37.74
N ALA B 228 1.83 13.37 36.49
CA ALA B 228 1.52 14.37 35.48
C ALA B 228 0.07 14.28 35.02
N LYS B 229 -0.51 13.08 35.00
CA LYS B 229 -1.90 12.93 34.60
C LYS B 229 -2.85 13.48 35.67
N LYS B 230 -2.52 13.28 36.94
CA LYS B 230 -3.42 13.72 38.00
C LYS B 230 -3.38 15.24 38.18
N LEU B 231 -2.24 15.86 37.89
CA LEU B 231 -2.18 17.31 37.79
C LEU B 231 -2.86 17.78 36.51
N ASN B 232 -2.99 16.91 35.52
CA ASN B 232 -3.70 17.23 34.29
C ASN B 232 -5.18 17.45 34.58
N ASP B 233 -5.86 16.41 35.09
CA ASP B 233 -7.29 16.50 35.34
C ASP B 233 -7.62 17.48 36.45
N ALA B 234 -6.69 17.68 37.38
CA ALA B 234 -6.91 18.67 38.43
C ALA B 234 -6.87 20.10 37.91
N GLN B 235 -6.33 20.31 36.70
CA GLN B 235 -6.24 21.65 36.14
C GLN B 235 -7.12 21.81 34.90
N ALA B 236 -8.06 20.89 34.70
CA ALA B 236 -9.00 20.93 33.58
C ALA B 236 -9.77 22.25 33.51
N ILE C 12 -15.16 17.23 -22.07
CA ILE C 12 -14.18 17.29 -23.13
C ILE C 12 -13.18 16.15 -22.98
N LEU C 13 -13.64 15.04 -22.40
CA LEU C 13 -12.79 13.90 -22.15
C LEU C 13 -13.11 12.70 -23.04
N LYS C 14 -14.13 12.79 -23.89
CA LYS C 14 -14.52 11.64 -24.71
C LYS C 14 -13.43 11.23 -25.68
N ASP C 15 -12.41 12.05 -25.87
CA ASP C 15 -11.28 11.76 -26.76
C ASP C 15 -10.09 11.13 -26.03
N LYS C 16 -10.10 11.10 -24.70
CA LYS C 16 -8.88 10.77 -23.97
C LYS C 16 -8.92 9.34 -23.44
N LYS C 17 -7.71 8.80 -23.25
CA LYS C 17 -7.52 7.46 -22.68
C LYS C 17 -7.19 7.63 -21.21
N LEU C 18 -7.95 6.95 -20.36
CA LEU C 18 -7.81 7.08 -18.93
C LEU C 18 -7.21 5.79 -18.36
N LEU C 19 -6.10 5.93 -17.64
CA LEU C 19 -5.47 4.83 -16.91
C LEU C 19 -5.66 5.07 -15.43
N ILE C 20 -6.20 4.06 -14.74
CA ILE C 20 -6.46 4.14 -13.31
C ILE C 20 -5.58 3.11 -12.60
N GLY C 21 -4.77 3.59 -11.66
CA GLY C 21 -3.96 2.72 -10.82
C GLY C 21 -4.63 2.54 -9.46
N ILE C 22 -4.77 1.28 -9.06
CA ILE C 22 -5.40 0.88 -7.81
C ILE C 22 -4.34 0.41 -6.83
N CYS C 23 -4.35 0.96 -5.62
CA CYS C 23 -3.41 0.56 -4.57
C CYS C 23 -4.12 -0.26 -3.50
N GLY C 24 -3.31 -0.79 -2.58
CA GLY C 24 -3.80 -1.68 -1.55
C GLY C 24 -4.58 -1.02 -0.43
N SER C 25 -5.82 -0.63 -0.73
CA SER C 25 -6.72 -0.10 0.26
C SER C 25 -8.03 -0.89 0.20
N ILE C 26 -8.71 -0.99 1.34
CA ILE C 26 -9.96 -1.74 1.38
C ILE C 26 -11.01 -1.10 0.46
N SER C 27 -10.92 0.23 0.28
CA SER C 27 -11.85 0.91 -0.61
C SER C 27 -11.72 0.44 -2.06
N SER C 28 -10.61 -0.21 -2.41
CA SER C 28 -10.49 -0.79 -3.75
C SER C 28 -11.60 -1.76 -4.04
N VAL C 29 -12.18 -2.39 -3.01
CA VAL C 29 -13.26 -3.33 -3.28
C VAL C 29 -14.41 -2.63 -3.97
N GLY C 30 -14.58 -1.33 -3.75
CA GLY C 30 -15.64 -0.59 -4.41
C GLY C 30 -15.25 0.15 -5.68
N ILE C 31 -14.07 -0.14 -6.25
CA ILE C 31 -13.58 0.63 -7.39
C ILE C 31 -14.56 0.58 -8.57
N SER C 32 -15.39 -0.45 -8.65
CA SER C 32 -16.33 -0.55 -9.77
C SER C 32 -17.23 0.67 -9.85
N SER C 33 -17.67 1.18 -8.69
CA SER C 33 -18.53 2.36 -8.68
C SER C 33 -17.91 3.53 -9.44
N TYR C 34 -16.59 3.64 -9.43
CA TYR C 34 -15.94 4.68 -10.22
C TYR C 34 -15.80 4.26 -11.68
N LEU C 35 -15.30 3.04 -11.90
CA LEU C 35 -15.03 2.61 -13.26
C LEU C 35 -16.27 2.75 -14.14
N LEU C 36 -17.38 2.15 -13.70
CA LEU C 36 -18.61 2.24 -14.47
C LEU C 36 -19.01 3.69 -14.71
N TYR C 37 -18.92 4.53 -13.68
CA TYR C 37 -19.32 5.93 -13.86
C TYR C 37 -18.43 6.63 -14.87
N PHE C 38 -17.12 6.37 -14.82
CA PHE C 38 -16.23 7.01 -15.77
C PHE C 38 -16.44 6.50 -17.19
N LYS C 39 -17.02 5.30 -17.35
CA LYS C 39 -17.03 4.64 -18.65
C LYS C 39 -17.76 5.46 -19.70
N SER C 40 -18.75 6.25 -19.30
CA SER C 40 -19.54 7.05 -20.23
C SER C 40 -18.91 8.41 -20.54
N PHE C 41 -17.69 8.68 -20.07
CA PHE C 41 -17.08 9.98 -20.29
C PHE C 41 -15.72 9.94 -20.97
N PHE C 42 -14.99 8.84 -20.89
CA PHE C 42 -13.67 8.74 -21.51
C PHE C 42 -13.72 7.85 -22.73
N LYS C 43 -12.73 8.00 -23.59
CA LYS C 43 -12.66 7.20 -24.80
C LYS C 43 -12.42 5.72 -24.47
N GLU C 44 -11.59 5.46 -23.46
CA GLU C 44 -11.15 4.12 -23.12
C GLU C 44 -10.55 4.17 -21.72
N ILE C 45 -10.88 3.19 -20.89
CA ILE C 45 -10.40 3.16 -19.50
C ILE C 45 -9.69 1.83 -19.24
N ARG C 46 -8.44 1.92 -18.82
CA ARG C 46 -7.70 0.74 -18.41
C ARG C 46 -7.21 0.93 -16.97
N VAL C 47 -6.83 -0.18 -16.36
CA VAL C 47 -6.49 -0.25 -14.94
C VAL C 47 -5.12 -0.91 -14.79
N VAL C 48 -4.33 -0.39 -13.87
CA VAL C 48 -3.12 -1.06 -13.40
C VAL C 48 -3.19 -1.18 -11.89
N MET C 49 -2.84 -2.36 -11.37
CA MET C 49 -3.05 -2.68 -9.97
C MET C 49 -1.73 -3.03 -9.28
N THR C 50 -1.68 -2.79 -7.97
CA THR C 50 -0.62 -3.32 -7.13
C THR C 50 -0.97 -4.74 -6.69
N LYS C 51 0.02 -5.44 -6.12
CA LYS C 51 -0.22 -6.80 -5.64
C LYS C 51 -1.17 -6.82 -4.46
N THR C 52 -1.06 -5.86 -3.54
CA THR C 52 -2.00 -5.81 -2.42
C THR C 52 -3.41 -5.54 -2.91
N ALA C 53 -3.56 -4.63 -3.88
CA ALA C 53 -4.87 -4.38 -4.46
C ALA C 53 -5.44 -5.66 -5.07
N GLU C 54 -4.61 -6.44 -5.76
CA GLU C 54 -5.07 -7.69 -6.34
C GLU C 54 -5.44 -8.71 -5.27
N ASP C 55 -4.73 -8.72 -4.14
CA ASP C 55 -5.09 -9.64 -3.07
C ASP C 55 -6.45 -9.30 -2.49
N LEU C 56 -6.77 -8.00 -2.44
CA LEU C 56 -8.09 -7.60 -1.93
C LEU C 56 -9.18 -7.88 -2.96
N ILE C 57 -8.98 -7.48 -4.21
CA ILE C 57 -9.96 -7.71 -5.27
C ILE C 57 -9.24 -8.18 -6.53
N PRO C 58 -9.55 -9.37 -7.03
CA PRO C 58 -8.76 -9.95 -8.14
C PRO C 58 -8.82 -9.11 -9.41
N ALA C 59 -7.72 -9.16 -10.18
CA ALA C 59 -7.68 -8.43 -11.44
C ALA C 59 -8.79 -8.90 -12.38
N HIS C 60 -9.11 -10.19 -12.36
CA HIS C 60 -10.18 -10.68 -13.21
C HIS C 60 -11.53 -10.07 -12.84
N THR C 61 -11.74 -9.75 -11.56
CA THR C 61 -12.99 -9.11 -11.19
C THR C 61 -13.02 -7.67 -11.70
N VAL C 62 -11.94 -6.93 -11.52
CA VAL C 62 -11.88 -5.57 -12.02
C VAL C 62 -12.08 -5.54 -13.53
N SER C 63 -11.60 -6.57 -14.23
CA SER C 63 -11.67 -6.55 -15.69
C SER C 63 -13.10 -6.50 -16.21
N TYR C 64 -14.08 -6.94 -15.42
CA TYR C 64 -15.47 -6.86 -15.84
C TYR C 64 -15.95 -5.42 -16.00
N PHE C 65 -15.24 -4.46 -15.41
CA PHE C 65 -15.68 -3.08 -15.36
C PHE C 65 -14.79 -2.13 -16.16
N CYS C 66 -13.83 -2.65 -16.91
CA CYS C 66 -12.98 -1.79 -17.72
C CYS C 66 -12.51 -2.56 -18.94
N ASP C 67 -11.69 -1.92 -19.75
CA ASP C 67 -11.26 -2.51 -21.02
C ASP C 67 -10.08 -3.45 -20.84
N HIS C 68 -9.19 -3.17 -19.90
CA HIS C 68 -8.05 -4.04 -19.68
C HIS C 68 -7.44 -3.74 -18.32
N VAL C 69 -6.91 -4.77 -17.68
CA VAL C 69 -6.30 -4.66 -16.37
C VAL C 69 -4.87 -5.16 -16.47
N TYR C 70 -3.91 -4.28 -16.17
CA TYR C 70 -2.50 -4.62 -16.13
C TYR C 70 -2.13 -5.06 -14.72
N SER C 71 -1.61 -6.27 -14.62
CA SER C 71 -1.18 -6.86 -13.37
C SER C 71 0.34 -6.90 -13.31
N GLU C 72 0.87 -7.17 -12.12
CA GLU C 72 2.31 -7.29 -11.93
C GLU C 72 2.80 -8.64 -12.43
N HIS C 73 2.20 -9.15 -13.49
CA HIS C 73 2.58 -10.44 -14.07
C HIS C 73 2.59 -10.39 -15.59
N GLU C 84 5.46 1.60 -21.54
CA GLU C 84 4.41 1.51 -22.55
C GLU C 84 3.05 1.98 -22.05
N ILE C 85 2.57 1.45 -20.92
CA ILE C 85 1.25 1.86 -20.46
C ILE C 85 1.25 3.31 -20.01
N GLY C 86 2.41 3.85 -19.62
CA GLY C 86 2.49 5.26 -19.29
C GLY C 86 2.32 6.17 -20.49
N ARG C 87 2.81 5.74 -21.66
CA ARG C 87 2.61 6.51 -22.88
C ARG C 87 1.22 6.30 -23.47
N TRP C 88 0.64 5.12 -23.25
CA TRP C 88 -0.71 4.86 -23.76
C TRP C 88 -1.73 5.81 -23.16
N ALA C 89 -1.61 6.08 -21.87
CA ALA C 89 -2.61 6.89 -21.19
C ALA C 89 -2.47 8.37 -21.54
N ASP C 90 -3.61 9.02 -21.75
CA ASP C 90 -3.64 10.47 -21.78
C ASP C 90 -3.80 11.07 -20.41
N ILE C 91 -4.56 10.42 -19.53
CA ILE C 91 -4.74 10.87 -18.17
C ILE C 91 -4.49 9.68 -17.26
N TYR C 92 -3.64 9.87 -16.26
CA TYR C 92 -3.31 8.84 -15.27
C TYR C 92 -3.80 9.27 -13.88
N CYS C 93 -4.73 8.50 -13.33
CA CYS C 93 -5.33 8.76 -12.02
C CYS C 93 -5.07 7.54 -11.14
N ILE C 94 -4.63 7.80 -9.91
CA ILE C 94 -4.38 6.74 -8.94
C ILE C 94 -5.48 6.82 -7.90
N ILE C 95 -6.37 5.84 -7.92
CA ILE C 95 -7.49 5.82 -6.97
C ILE C 95 -7.90 4.40 -6.61
N PRO C 96 -7.83 4.05 -5.31
CA PRO C 96 -7.33 4.89 -4.21
C PRO C 96 -5.81 4.89 -4.12
N ALA C 97 -5.24 5.94 -3.55
CA ALA C 97 -3.80 6.07 -3.37
C ALA C 97 -3.50 5.88 -1.90
N THR C 98 -2.56 4.99 -1.61
CA THR C 98 -2.15 4.73 -0.24
C THR C 98 -1.05 5.70 0.18
N ALA C 99 -0.82 5.77 1.49
CA ALA C 99 0.30 6.57 1.98
C ALA C 99 1.59 6.12 1.35
N ASN C 100 1.75 4.80 1.20
CA ASN C 100 2.97 4.23 0.64
C ASN C 100 3.19 4.68 -0.79
N ILE C 101 2.15 4.67 -1.62
CA ILE C 101 2.36 5.11 -3.00
C ILE C 101 2.74 6.59 -3.06
N LEU C 102 2.24 7.40 -2.10
CA LEU C 102 2.65 8.80 -2.04
C LEU C 102 4.10 8.93 -1.61
N GLY C 103 4.54 8.11 -0.65
CA GLY C 103 5.93 8.14 -0.25
C GLY C 103 6.87 7.73 -1.36
N GLN C 104 6.50 6.70 -2.13
CA GLN C 104 7.34 6.28 -3.24
C GLN C 104 7.42 7.36 -4.32
N THR C 105 6.25 7.82 -4.80
CA THR C 105 6.23 8.76 -5.90
C THR C 105 6.85 10.11 -5.51
N ALA C 106 6.67 10.52 -4.25
CA ALA C 106 7.23 11.79 -3.82
C ALA C 106 8.74 11.75 -3.78
N ASN C 107 9.31 10.57 -3.54
CA ASN C 107 10.76 10.45 -3.43
C ASN C 107 11.39 9.83 -4.66
N GLY C 108 10.62 9.65 -5.74
CA GLY C 108 11.19 9.09 -6.95
C GLY C 108 11.51 7.62 -6.84
N VAL C 109 10.91 6.94 -5.87
CA VAL C 109 11.07 5.50 -5.72
C VAL C 109 9.92 4.81 -6.45
N ALA C 110 10.24 3.78 -7.23
CA ALA C 110 9.23 3.09 -8.05
C ALA C 110 9.48 1.60 -7.95
N MET C 111 8.79 0.94 -7.03
CA MET C 111 8.98 -0.48 -6.81
C MET C 111 7.83 -1.35 -7.29
N ASN C 112 6.69 -0.78 -7.62
CA ASN C 112 5.65 -1.51 -8.30
C ASN C 112 5.29 -0.78 -9.58
N LEU C 113 4.44 -1.41 -10.39
CA LEU C 113 4.09 -0.85 -11.69
C LEU C 113 3.32 0.46 -11.54
N VAL C 114 2.55 0.62 -10.46
CA VAL C 114 1.77 1.84 -10.25
C VAL C 114 2.68 3.04 -10.06
N ALA C 115 3.70 2.91 -9.22
CA ALA C 115 4.63 4.01 -9.01
C ALA C 115 5.49 4.25 -10.24
N THR C 116 5.90 3.19 -10.93
CA THR C 116 6.71 3.33 -12.13
C THR C 116 5.97 4.10 -13.20
N THR C 117 4.67 3.84 -13.37
CA THR C 117 3.92 4.56 -14.38
C THR C 117 3.89 6.07 -14.12
N VAL C 118 3.95 6.50 -12.86
CA VAL C 118 4.05 7.93 -12.58
C VAL C 118 5.29 8.51 -13.25
N LEU C 119 6.41 7.80 -13.18
CA LEU C 119 7.62 8.28 -13.84
C LEU C 119 7.56 8.14 -15.34
N ALA C 120 6.93 7.08 -15.85
CA ALA C 120 6.90 6.85 -17.28
C ALA C 120 5.78 7.57 -17.99
N HIS C 121 4.86 8.18 -17.26
CA HIS C 121 3.76 8.89 -17.88
C HIS C 121 4.17 10.30 -18.26
N PRO C 122 3.95 10.73 -19.50
CA PRO C 122 4.15 12.14 -19.81
C PRO C 122 3.11 12.95 -19.08
N HIS C 123 3.50 14.18 -18.71
CA HIS C 123 2.71 15.15 -17.95
C HIS C 123 2.54 14.75 -16.49
N ASN C 124 1.38 15.04 -15.90
CA ASN C 124 1.22 14.92 -14.46
C ASN C 124 0.25 13.80 -14.10
N THR C 125 0.23 13.47 -12.81
CA THR C 125 -0.61 12.40 -12.26
C THR C 125 -1.56 12.98 -11.23
N ILE C 126 -2.78 12.46 -11.23
CA ILE C 126 -3.81 12.86 -10.27
C ILE C 126 -3.95 11.73 -9.26
N PHE C 127 -3.63 12.03 -8.00
CA PHE C 127 -3.72 11.09 -6.91
C PHE C 127 -5.00 11.33 -6.13
N PHE C 128 -5.65 10.24 -5.70
CA PHE C 128 -6.81 10.27 -4.82
C PHE C 128 -6.45 9.52 -3.55
N PRO C 129 -5.76 10.16 -2.62
CA PRO C 129 -5.36 9.45 -1.40
C PRO C 129 -6.58 8.99 -0.61
N ASN C 130 -6.42 7.84 0.04
CA ASN C 130 -7.47 7.30 0.89
C ASN C 130 -6.77 6.61 2.04
N MET C 131 -6.99 7.10 3.25
CA MET C 131 -6.39 6.52 4.43
C MET C 131 -7.23 6.95 5.62
N ASN C 132 -6.95 6.34 6.77
CA ASN C 132 -7.66 6.75 7.98
C ASN C 132 -7.17 8.13 8.42
N ASP C 133 -7.97 8.75 9.29
CA ASP C 133 -7.66 10.09 9.74
C ASP C 133 -6.33 10.16 10.48
N LEU C 134 -5.89 9.04 11.06
CA LEU C 134 -4.62 8.98 11.78
C LEU C 134 -3.44 9.15 10.83
N MET C 135 -3.35 8.29 9.80
CA MET C 135 -2.23 8.35 8.86
C MET C 135 -2.21 9.66 8.10
N TRP C 136 -3.39 10.25 7.86
CA TRP C 136 -3.44 11.49 7.09
C TRP C 136 -2.75 12.64 7.83
N ASN C 137 -2.73 12.60 9.15
CA ASN C 137 -2.13 13.66 9.95
C ASN C 137 -0.67 13.38 10.34
N LYS C 138 -0.04 12.37 9.74
CA LYS C 138 1.36 12.12 9.98
C LYS C 138 2.22 13.09 9.18
N THR C 139 3.31 13.56 9.80
CA THR C 139 4.13 14.61 9.21
C THR C 139 4.70 14.19 7.86
N VAL C 140 5.24 12.96 7.77
CA VAL C 140 5.82 12.52 6.51
C VAL C 140 4.79 12.51 5.41
N VAL C 141 3.53 12.19 5.74
CA VAL C 141 2.51 12.10 4.70
C VAL C 141 2.21 13.48 4.13
N SER C 142 2.02 14.47 5.01
CA SER C 142 1.84 15.85 4.54
C SER C 142 3.05 16.34 3.76
N ARG C 143 4.26 16.01 4.23
CA ARG C 143 5.47 16.40 3.51
C ARG C 143 5.48 15.82 2.10
N ASN C 144 5.09 14.55 1.96
CA ASN C 144 5.09 13.92 0.63
C ASN C 144 3.99 14.50 -0.25
N ILE C 145 2.84 14.83 0.33
CA ILE C 145 1.78 15.50 -0.44
C ILE C 145 2.30 16.82 -1.01
N GLU C 146 2.90 17.64 -0.16
CA GLU C 146 3.40 18.93 -0.62
C GLU C 146 4.52 18.76 -1.64
N GLN C 147 5.34 17.72 -1.49
CA GLN C 147 6.39 17.49 -2.46
C GLN C 147 5.80 17.12 -3.83
N LEU C 148 4.76 16.27 -3.82
CA LEU C 148 4.10 15.93 -5.08
C LEU C 148 3.49 17.17 -5.72
N ARG C 149 2.87 18.03 -4.92
CA ARG C 149 2.26 19.22 -5.48
C ARG C 149 3.30 20.17 -6.07
N LYS C 150 4.44 20.34 -5.37
CA LYS C 150 5.52 21.17 -5.88
C LYS C 150 6.14 20.59 -7.15
N ASP C 151 6.01 19.29 -7.37
CA ASP C 151 6.57 18.64 -8.53
C ASP C 151 5.62 18.62 -9.73
N GLY C 152 4.43 19.23 -9.60
CA GLY C 152 3.49 19.33 -10.70
C GLY C 152 2.33 18.36 -10.65
N HIS C 153 2.37 17.37 -9.75
CA HIS C 153 1.27 16.42 -9.62
C HIS C 153 0.12 17.04 -8.82
N ILE C 154 -1.06 16.46 -9.00
CA ILE C 154 -2.27 16.93 -8.33
C ILE C 154 -2.70 15.89 -7.30
N VAL C 155 -2.98 16.33 -6.07
CA VAL C 155 -3.40 15.45 -4.98
C VAL C 155 -4.77 15.91 -4.50
N ILE C 156 -5.80 15.14 -4.85
CA ILE C 156 -7.18 15.50 -4.50
C ILE C 156 -7.41 15.28 -3.02
N GLU C 157 -7.98 16.27 -2.37
CA GLU C 157 -8.25 16.19 -0.93
C GLU C 157 -9.46 15.27 -0.69
N PRO C 158 -9.40 14.38 0.29
CA PRO C 158 -10.58 13.59 0.65
C PRO C 158 -11.58 14.42 1.48
N VAL C 159 -12.78 13.86 1.61
CA VAL C 159 -13.88 14.51 2.32
C VAL C 159 -14.28 13.65 3.50
N GLU C 160 -15.19 14.18 4.32
CA GLU C 160 -15.71 13.46 5.48
C GLU C 160 -17.09 12.91 5.17
N ILE C 161 -17.26 11.60 5.35
CA ILE C 161 -18.49 10.92 4.97
C ILE C 161 -18.92 9.91 6.03
N ARG C 175 -12.91 10.37 7.06
CA ARG C 175 -12.46 10.88 5.77
C ARG C 175 -12.20 9.86 4.66
N GLY C 176 -13.12 9.82 3.70
CA GLY C 176 -13.08 8.91 2.59
C GLY C 176 -12.93 9.65 1.26
N LEU C 177 -12.98 8.88 0.19
CA LEU C 177 -12.87 9.45 -1.15
C LEU C 177 -14.14 10.20 -1.52
N ILE C 178 -14.00 11.16 -2.43
CA ILE C 178 -15.19 11.82 -2.94
C ILE C 178 -15.95 10.86 -3.85
N THR C 179 -17.23 11.17 -4.05
CA THR C 179 -18.10 10.35 -4.88
C THR C 179 -17.61 10.38 -6.33
N PRO C 180 -18.00 9.38 -7.12
CA PRO C 180 -17.56 9.34 -8.52
C PRO C 180 -17.85 10.59 -9.36
N ASP C 181 -18.99 11.26 -9.14
CA ASP C 181 -19.29 12.47 -9.91
C ASP C 181 -18.30 13.59 -9.58
N LYS C 182 -18.03 13.79 -8.29
CA LYS C 182 -17.06 14.80 -7.89
C LYS C 182 -15.65 14.40 -8.33
N ALA C 183 -15.36 13.10 -8.34
CA ALA C 183 -14.07 12.64 -8.84
C ALA C 183 -13.91 12.95 -10.32
N LEU C 184 -14.98 12.73 -11.10
CA LEU C 184 -14.95 13.10 -12.51
C LEU C 184 -14.71 14.58 -12.69
N LEU C 185 -15.41 15.42 -11.90
CA LEU C 185 -15.17 16.86 -11.98
C LEU C 185 -13.73 17.20 -11.64
N ALA C 186 -13.15 16.53 -10.63
CA ALA C 186 -11.77 16.79 -10.26
C ALA C 186 -10.80 16.38 -11.37
N ILE C 187 -11.07 15.26 -12.04
CA ILE C 187 -10.22 14.83 -13.14
C ILE C 187 -10.26 15.85 -14.27
N GLU C 188 -11.48 16.27 -14.64
CA GLU C 188 -11.65 17.31 -15.65
C GLU C 188 -10.89 18.58 -15.28
N GLN C 189 -11.08 19.05 -14.05
CA GLN C 189 -10.40 20.25 -13.56
C GLN C 189 -8.89 20.12 -13.65
N GLY C 190 -8.35 18.96 -13.28
CA GLY C 190 -6.92 18.78 -13.34
C GLY C 190 -6.39 18.79 -14.76
N PHE C 191 -7.11 18.14 -15.68
CA PHE C 191 -6.70 18.17 -17.08
C PHE C 191 -6.67 19.61 -17.60
N ALA C 192 -7.74 20.37 -17.32
CA ALA C 192 -7.78 21.76 -17.76
C ALA C 192 -6.67 22.59 -17.13
N PHE C 193 -6.33 22.28 -15.88
CA PHE C 193 -5.22 22.96 -15.22
C PHE C 193 -3.92 22.76 -15.98
N TYR C 194 -3.54 21.49 -16.19
CA TYR C 194 -2.27 21.23 -16.87
C TYR C 194 -2.26 21.80 -18.28
N GLU C 195 -3.40 21.70 -18.98
CA GLU C 195 -3.44 22.19 -20.36
C GLU C 195 -3.27 23.71 -20.43
N ILE C 196 -3.90 24.43 -19.50
CA ILE C 196 -3.76 25.88 -19.51
C ILE C 196 -2.35 26.29 -19.07
N LEU C 197 -1.80 25.60 -18.07
CA LEU C 197 -0.48 25.94 -17.57
C LEU C 197 0.62 25.75 -18.60
N HIS C 198 0.41 24.95 -19.64
CA HIS C 198 1.44 24.65 -20.62
C HIS C 198 1.08 25.15 -22.02
N LEU C 199 0.35 26.27 -22.09
CA LEU C 199 0.12 26.94 -23.37
C LEU C 199 1.31 27.85 -23.66
N PRO C 200 1.97 27.71 -24.81
CA PRO C 200 3.23 28.43 -25.03
C PRO C 200 3.12 29.94 -25.07
N ASN C 201 2.28 30.48 -25.95
CA ASN C 201 2.26 31.92 -26.22
C ASN C 201 1.17 32.61 -25.39
N LEU C 202 1.32 32.51 -24.08
CA LEU C 202 0.38 33.15 -23.16
C LEU C 202 1.16 33.71 -21.99
N ASN C 203 0.58 34.71 -21.34
CA ASN C 203 1.24 35.51 -20.31
C ASN C 203 0.72 35.17 -18.91
N GLU C 204 1.50 35.57 -17.91
CA GLU C 204 1.21 35.16 -16.53
C GLU C 204 -0.16 35.63 -16.07
N GLU C 205 -0.57 36.84 -16.46
CA GLU C 205 -1.82 37.42 -15.98
C GLU C 205 -3.02 36.65 -16.53
N GLN C 206 -3.03 36.40 -17.84
CA GLN C 206 -4.11 35.61 -18.42
C GLN C 206 -4.02 34.15 -17.99
N ARG C 207 -2.81 33.68 -17.66
CA ARG C 207 -2.66 32.30 -17.18
C ARG C 207 -3.35 32.12 -15.84
N ASN C 208 -3.03 32.97 -14.87
CA ASN C 208 -3.72 32.94 -13.60
C ASN C 208 -5.18 33.34 -13.72
N ALA C 209 -5.53 34.12 -14.76
CA ALA C 209 -6.94 34.44 -14.99
C ALA C 209 -7.72 33.19 -15.37
N PHE C 210 -7.17 32.38 -16.28
CA PHE C 210 -7.84 31.13 -16.63
C PHE C 210 -7.79 30.13 -15.49
N ILE C 211 -6.75 30.17 -14.65
CA ILE C 211 -6.67 29.22 -13.55
C ILE C 211 -7.65 29.57 -12.44
N GLN C 212 -7.75 30.85 -12.08
CA GLN C 212 -8.57 31.26 -10.95
C GLN C 212 -10.06 31.01 -11.21
N SER C 213 -10.51 31.14 -12.46
CA SER C 213 -11.90 30.81 -12.75
C SER C 213 -12.13 29.31 -12.81
N LEU C 214 -11.07 28.51 -12.88
CA LEU C 214 -11.19 27.07 -12.77
C LEU C 214 -11.26 26.61 -11.32
N LYS C 215 -10.55 27.29 -10.41
CA LYS C 215 -10.62 26.97 -9.00
C LYS C 215 -11.92 27.45 -8.36
N ASP C 216 -12.73 28.22 -9.08
CA ASP C 216 -14.00 28.70 -8.58
C ASP C 216 -15.19 28.00 -9.22
N ASP C 217 -15.01 27.41 -10.41
CA ASP C 217 -16.08 26.71 -11.10
C ASP C 217 -15.45 25.64 -11.98
N PRO C 218 -15.31 24.41 -11.48
CA PRO C 218 -14.67 23.36 -12.28
C PRO C 218 -15.56 22.83 -13.40
N SER C 219 -16.87 22.92 -13.22
CA SER C 219 -17.79 22.51 -14.28
C SER C 219 -17.69 23.41 -15.51
N GLN C 220 -16.92 24.50 -15.43
CA GLN C 220 -16.66 25.37 -16.57
C GLN C 220 -15.42 24.96 -17.34
N SER C 221 -14.75 23.87 -16.93
CA SER C 221 -13.49 23.47 -17.56
C SER C 221 -13.60 23.40 -19.07
N ALA C 222 -14.71 22.84 -19.57
CA ALA C 222 -14.89 22.74 -21.01
C ALA C 222 -14.91 24.12 -21.66
N ASN C 223 -15.68 25.05 -21.10
CA ASN C 223 -15.82 26.35 -21.73
C ASN C 223 -14.55 27.20 -21.57
N LEU C 224 -13.89 27.10 -20.44
CA LEU C 224 -12.68 27.89 -20.21
C LEU C 224 -11.53 27.40 -21.09
N LEU C 225 -11.24 26.10 -21.05
CA LEU C 225 -10.16 25.55 -21.86
C LEU C 225 -10.38 25.84 -23.34
N ALA C 226 -11.61 25.66 -23.82
CA ALA C 226 -11.92 25.98 -25.21
C ALA C 226 -11.64 27.44 -25.53
N GLU C 227 -11.84 28.33 -24.56
CA GLU C 227 -11.51 29.73 -24.77
C GLU C 227 -10.02 29.99 -24.65
N ALA C 228 -9.30 29.16 -23.90
CA ALA C 228 -7.86 29.35 -23.75
C ALA C 228 -7.09 28.94 -25.00
N LYS C 229 -7.58 27.93 -25.73
CA LYS C 229 -6.91 27.52 -26.96
C LYS C 229 -7.11 28.55 -28.07
N LYS C 230 -8.29 29.17 -28.14
CA LYS C 230 -8.55 30.11 -29.23
C LYS C 230 -7.84 31.44 -29.01
N LEU C 231 -7.60 31.81 -27.75
CA LEU C 231 -6.69 32.92 -27.46
C LEU C 231 -5.25 32.50 -27.66
N ASN C 232 -4.97 31.20 -27.66
CA ASN C 232 -3.62 30.73 -27.94
C ASN C 232 -3.24 31.03 -29.39
N ASP C 233 -3.99 30.46 -30.34
CA ASP C 233 -3.65 30.63 -31.75
C ASP C 233 -3.81 32.08 -32.20
N ALA C 234 -4.68 32.84 -31.53
CA ALA C 234 -4.84 34.24 -31.86
C ALA C 234 -3.62 35.07 -31.47
N GLN C 235 -2.75 34.54 -30.60
CA GLN C 235 -1.56 35.26 -30.16
C GLN C 235 -0.27 34.57 -30.60
N ALA C 236 -0.36 33.63 -31.55
CA ALA C 236 0.81 32.94 -32.10
C ALA C 236 1.87 33.91 -32.61
N GLY D 4 -43.54 1.85 7.95
CA GLY D 4 -42.52 2.05 8.96
C GLY D 4 -41.17 1.68 8.42
N GLY D 5 -40.12 1.89 9.22
CA GLY D 5 -38.76 1.71 8.78
C GLY D 5 -38.21 0.31 9.08
N GLY D 6 -36.93 0.14 8.77
CA GLY D 6 -36.24 -1.12 8.97
C GLY D 6 -35.67 -1.28 10.38
N SER D 7 -35.17 -0.19 10.94
CA SER D 7 -34.60 -0.20 12.30
C SER D 7 -35.70 0.06 13.33
N MET D 8 -36.62 -0.90 13.42
CA MET D 8 -37.79 -0.80 14.30
C MET D 8 -38.05 -2.14 15.00
N SER D 9 -37.78 -3.25 14.32
CA SER D 9 -37.83 -4.59 14.90
C SER D 9 -36.44 -5.14 15.27
N ILE D 10 -35.49 -4.24 15.58
CA ILE D 10 -34.13 -4.64 16.00
C ILE D 10 -34.17 -5.59 17.17
N SER D 11 -35.21 -5.48 18.00
CA SER D 11 -35.28 -6.24 19.25
C SER D 11 -35.05 -7.74 19.02
N ILE D 12 -35.69 -8.30 17.98
CA ILE D 12 -35.69 -9.75 17.82
C ILE D 12 -34.42 -10.31 17.21
N LEU D 13 -33.54 -9.46 16.69
CA LEU D 13 -32.25 -9.88 16.15
C LEU D 13 -31.12 -9.66 17.14
N LYS D 14 -31.39 -8.98 18.26
CA LYS D 14 -30.33 -8.59 19.21
C LYS D 14 -29.49 -9.77 19.65
N ASP D 15 -30.11 -10.92 19.91
CA ASP D 15 -29.42 -12.08 20.45
C ASP D 15 -29.30 -13.23 19.46
N LYS D 16 -29.45 -12.97 18.17
CA LYS D 16 -29.48 -14.00 17.15
C LYS D 16 -28.16 -14.08 16.41
N LYS D 17 -27.77 -15.31 16.08
CA LYS D 17 -26.56 -15.56 15.30
C LYS D 17 -26.97 -15.74 13.85
N LEU D 18 -26.36 -14.96 12.98
CA LEU D 18 -26.72 -14.90 11.56
C LEU D 18 -25.61 -15.51 10.72
N LEU D 19 -25.97 -16.48 9.90
CA LEU D 19 -25.05 -17.07 8.94
C LEU D 19 -25.50 -16.64 7.56
N ILE D 20 -24.56 -16.10 6.78
CA ILE D 20 -24.82 -15.61 5.43
C ILE D 20 -24.02 -16.42 4.44
N GLY D 21 -24.71 -17.03 3.47
CA GLY D 21 -24.07 -17.78 2.41
C GLY D 21 -24.00 -16.95 1.14
N ILE D 22 -22.79 -16.85 0.60
CA ILE D 22 -22.52 -16.05 -0.58
C ILE D 22 -22.29 -16.99 -1.76
N CYS D 23 -23.02 -16.76 -2.84
CA CYS D 23 -22.88 -17.53 -4.07
C CYS D 23 -22.18 -16.71 -5.15
N GLY D 24 -21.87 -17.38 -6.25
CA GLY D 24 -21.10 -16.79 -7.32
C GLY D 24 -21.86 -15.83 -8.20
N SER D 25 -22.15 -14.65 -7.67
CA SER D 25 -22.78 -13.58 -8.43
C SER D 25 -21.90 -12.35 -8.33
N ILE D 26 -21.91 -11.51 -9.37
CA ILE D 26 -21.04 -10.35 -9.35
C ILE D 26 -21.43 -9.39 -8.23
N SER D 27 -22.71 -9.38 -7.84
CA SER D 27 -23.15 -8.54 -6.75
C SER D 27 -22.50 -8.92 -5.42
N SER D 28 -21.97 -10.14 -5.32
CA SER D 28 -21.25 -10.54 -4.11
C SER D 28 -20.05 -9.63 -3.86
N VAL D 29 -19.50 -9.02 -4.92
CA VAL D 29 -18.36 -8.11 -4.72
C VAL D 29 -18.73 -6.96 -3.78
N GLY D 30 -20.00 -6.59 -3.73
CA GLY D 30 -20.46 -5.53 -2.84
C GLY D 30 -21.10 -5.98 -1.54
N ILE D 31 -20.95 -7.26 -1.18
CA ILE D 31 -21.63 -7.83 -0.03
C ILE D 31 -21.34 -7.06 1.26
N SER D 32 -20.23 -6.32 1.33
CA SER D 32 -19.92 -5.58 2.55
C SER D 32 -21.04 -4.62 2.92
N SER D 33 -21.66 -3.98 1.92
CA SER D 33 -22.77 -3.07 2.21
C SER D 33 -23.86 -3.76 3.01
N TYR D 34 -24.05 -5.06 2.78
CA TYR D 34 -25.02 -5.78 3.60
C TYR D 34 -24.39 -6.16 4.93
N LEU D 35 -23.19 -6.74 4.90
CA LEU D 35 -22.58 -7.24 6.13
C LEU D 35 -22.46 -6.13 7.18
N LEU D 36 -21.80 -5.04 6.81
CA LEU D 36 -21.60 -3.95 7.76
C LEU D 36 -22.95 -3.45 8.29
N TYR D 37 -23.94 -3.30 7.40
CA TYR D 37 -25.23 -2.83 7.88
C TYR D 37 -25.85 -3.80 8.87
N PHE D 38 -25.74 -5.10 8.58
CA PHE D 38 -26.30 -6.07 9.52
C PHE D 38 -25.50 -6.11 10.81
N LYS D 39 -24.23 -5.69 10.80
CA LYS D 39 -23.35 -5.93 11.94
C LYS D 39 -23.88 -5.32 13.23
N SER D 40 -24.57 -4.19 13.16
CA SER D 40 -25.03 -3.53 14.38
C SER D 40 -26.38 -4.04 14.89
N PHE D 41 -26.90 -5.14 14.33
CA PHE D 41 -28.24 -5.62 14.68
C PHE D 41 -28.27 -7.05 15.19
N PHE D 42 -27.25 -7.85 14.89
CA PHE D 42 -27.19 -9.23 15.31
C PHE D 42 -26.09 -9.41 16.36
N LYS D 43 -26.17 -10.52 17.09
CA LYS D 43 -25.14 -10.81 18.07
C LYS D 43 -23.81 -11.15 17.39
N GLU D 44 -23.85 -11.90 16.30
CA GLU D 44 -22.66 -12.39 15.65
C GLU D 44 -23.02 -12.76 14.21
N ILE D 45 -22.17 -12.42 13.26
CA ILE D 45 -22.41 -12.69 11.83
C ILE D 45 -21.23 -13.44 11.25
N ARG D 46 -21.49 -14.61 10.69
CA ARG D 46 -20.49 -15.40 9.98
C ARG D 46 -20.94 -15.66 8.56
N VAL D 47 -19.98 -16.03 7.71
CA VAL D 47 -20.19 -16.18 6.27
C VAL D 47 -19.66 -17.54 5.82
N VAL D 48 -20.40 -18.21 4.93
CA VAL D 48 -19.93 -19.40 4.23
C VAL D 48 -20.03 -19.12 2.73
N MET D 49 -18.97 -19.45 1.98
CA MET D 49 -18.85 -19.06 0.59
C MET D 49 -18.73 -20.25 -0.34
N THR D 50 -19.22 -20.09 -1.56
CA THR D 50 -18.91 -21.04 -2.62
C THR D 50 -17.60 -20.66 -3.27
N LYS D 51 -17.07 -21.59 -4.05
CA LYS D 51 -15.80 -21.36 -4.75
C LYS D 51 -15.90 -20.19 -5.73
N THR D 52 -17.02 -20.08 -6.46
CA THR D 52 -17.15 -18.97 -7.41
C THR D 52 -17.19 -17.62 -6.69
N ALA D 53 -17.90 -17.55 -5.56
CA ALA D 53 -17.86 -16.33 -4.75
C ALA D 53 -16.45 -15.99 -4.34
N GLU D 54 -15.68 -16.99 -3.94
CA GLU D 54 -14.28 -16.74 -3.58
C GLU D 54 -13.45 -16.28 -4.77
N ASP D 55 -13.77 -16.76 -5.98
CA ASP D 55 -13.06 -16.28 -7.16
C ASP D 55 -13.39 -14.82 -7.46
N LEU D 56 -14.63 -14.42 -7.22
CA LEU D 56 -15.00 -13.03 -7.43
C LEU D 56 -14.44 -12.16 -6.33
N ILE D 57 -14.66 -12.54 -5.08
CA ILE D 57 -14.15 -11.72 -3.98
C ILE D 57 -13.56 -12.67 -2.94
N PRO D 58 -12.28 -12.53 -2.63
CA PRO D 58 -11.59 -13.51 -1.76
C PRO D 58 -12.20 -13.57 -0.37
N ALA D 59 -12.13 -14.75 0.23
CA ALA D 59 -12.60 -14.92 1.60
C ALA D 59 -11.85 -14.02 2.57
N HIS D 60 -10.55 -13.81 2.34
CA HIS D 60 -9.80 -12.90 3.20
C HIS D 60 -10.37 -11.49 3.13
N THR D 61 -10.93 -11.09 1.99
CA THR D 61 -11.55 -9.76 1.91
C THR D 61 -12.85 -9.72 2.69
N VAL D 62 -13.69 -10.74 2.53
CA VAL D 62 -14.97 -10.76 3.24
C VAL D 62 -14.75 -10.79 4.74
N SER D 63 -13.68 -11.44 5.21
CA SER D 63 -13.45 -11.56 6.66
C SER D 63 -13.25 -10.19 7.32
N TYR D 64 -12.88 -9.16 6.56
CA TYR D 64 -12.81 -7.81 7.11
C TYR D 64 -14.18 -7.26 7.51
N PHE D 65 -15.26 -7.85 7.02
CA PHE D 65 -16.58 -7.28 7.22
C PHE D 65 -17.50 -8.17 8.06
N CYS D 66 -16.99 -9.25 8.63
CA CYS D 66 -17.81 -10.11 9.48
C CYS D 66 -16.90 -10.80 10.47
N ASP D 67 -17.50 -11.65 11.30
CA ASP D 67 -16.77 -12.29 12.39
C ASP D 67 -15.96 -13.49 11.96
N HIS D 68 -16.38 -14.20 10.92
CA HIS D 68 -15.65 -15.38 10.47
C HIS D 68 -16.16 -15.79 9.10
N VAL D 69 -15.27 -16.38 8.29
CA VAL D 69 -15.61 -16.82 6.93
C VAL D 69 -15.30 -18.31 6.82
N TYR D 70 -16.32 -19.11 6.52
CA TYR D 70 -16.14 -20.53 6.25
C TYR D 70 -15.95 -20.74 4.75
N SER D 71 -14.80 -21.31 4.39
CA SER D 71 -14.48 -21.63 3.00
C SER D 71 -14.54 -23.13 2.80
N GLU D 72 -14.70 -23.54 1.56
CA GLU D 72 -14.80 -24.96 1.28
C GLU D 72 -13.45 -25.66 1.25
N HIS D 73 -12.41 -25.04 1.79
CA HIS D 73 -11.11 -25.70 1.91
C HIS D 73 -10.24 -25.04 2.99
N HIS D 82 -16.67 -28.32 7.88
CA HIS D 82 -17.52 -27.39 8.62
C HIS D 82 -19.02 -27.71 8.56
N VAL D 83 -19.43 -28.78 9.25
CA VAL D 83 -20.82 -29.23 9.22
C VAL D 83 -21.63 -28.74 10.43
N GLU D 84 -20.98 -28.12 11.42
CA GLU D 84 -21.68 -27.58 12.58
C GLU D 84 -22.25 -26.18 12.35
N ILE D 85 -21.92 -25.51 11.24
CA ILE D 85 -22.34 -24.13 11.08
C ILE D 85 -23.86 -23.99 10.92
N GLY D 86 -24.54 -25.04 10.45
CA GLY D 86 -26.00 -24.95 10.35
C GLY D 86 -26.65 -24.89 11.72
N ARG D 87 -26.11 -25.61 12.70
CA ARG D 87 -26.65 -25.52 14.05
C ARG D 87 -26.14 -24.28 14.78
N TRP D 88 -24.95 -23.78 14.41
CA TRP D 88 -24.45 -22.55 15.01
C TRP D 88 -25.37 -21.38 14.70
N ALA D 89 -25.86 -21.30 13.47
CA ALA D 89 -26.68 -20.17 13.05
C ALA D 89 -28.08 -20.26 13.64
N ASP D 90 -28.58 -19.12 14.11
CA ASP D 90 -29.99 -19.00 14.42
C ASP D 90 -30.80 -18.66 13.18
N ILE D 91 -30.23 -17.87 12.27
CA ILE D 91 -30.87 -17.48 11.03
C ILE D 91 -29.90 -17.77 9.90
N TYR D 92 -30.36 -18.47 8.86
CA TYR D 92 -29.51 -18.79 7.70
C TYR D 92 -30.04 -18.09 6.46
N CYS D 93 -29.24 -17.20 5.92
CA CYS D 93 -29.66 -16.38 4.80
C CYS D 93 -28.66 -16.54 3.68
N ILE D 94 -29.14 -16.79 2.46
CA ILE D 94 -28.28 -16.95 1.30
C ILE D 94 -28.41 -15.71 0.41
N ILE D 95 -27.36 -14.89 0.36
CA ILE D 95 -27.35 -13.66 -0.41
C ILE D 95 -25.94 -13.32 -0.91
N PRO D 96 -25.77 -13.16 -2.23
CA PRO D 96 -26.79 -13.38 -3.24
C PRO D 96 -26.91 -14.87 -3.53
N ALA D 97 -28.08 -15.30 -3.98
CA ALA D 97 -28.33 -16.70 -4.32
C ALA D 97 -28.38 -16.82 -5.83
N THR D 98 -27.62 -17.77 -6.38
CA THR D 98 -27.57 -18.03 -7.81
C THR D 98 -28.68 -18.98 -8.20
N ALA D 99 -28.96 -19.02 -9.51
CA ALA D 99 -29.89 -20.01 -10.03
C ALA D 99 -29.45 -21.42 -9.65
N ASN D 100 -28.15 -21.66 -9.63
CA ASN D 100 -27.61 -22.98 -9.29
C ASN D 100 -27.94 -23.36 -7.85
N ILE D 101 -27.75 -22.44 -6.89
CA ILE D 101 -28.06 -22.81 -5.51
C ILE D 101 -29.55 -23.08 -5.34
N LEU D 102 -30.39 -22.40 -6.12
CA LEU D 102 -31.82 -22.66 -6.09
C LEU D 102 -32.12 -24.04 -6.66
N GLY D 103 -31.42 -24.42 -7.73
CA GLY D 103 -31.62 -25.74 -8.31
C GLY D 103 -31.20 -26.86 -7.38
N GLN D 104 -30.07 -26.68 -6.70
CA GLN D 104 -29.62 -27.69 -5.76
C GLN D 104 -30.58 -27.80 -4.59
N THR D 105 -30.87 -26.67 -3.93
CA THR D 105 -31.66 -26.74 -2.70
C THR D 105 -33.08 -27.20 -2.98
N ALA D 106 -33.66 -26.78 -4.12
CA ALA D 106 -35.02 -27.20 -4.42
C ALA D 106 -35.11 -28.69 -4.70
N ASN D 107 -34.01 -29.30 -5.15
CA ASN D 107 -34.00 -30.72 -5.49
C ASN D 107 -33.26 -31.57 -4.48
N GLY D 108 -32.91 -31.02 -3.31
CA GLY D 108 -32.27 -31.81 -2.29
C GLY D 108 -30.86 -32.25 -2.60
N VAL D 109 -30.22 -31.58 -3.54
CA VAL D 109 -28.83 -31.87 -3.89
C VAL D 109 -27.92 -30.95 -3.08
N ALA D 110 -26.85 -31.49 -2.55
CA ALA D 110 -25.94 -30.74 -1.68
C ALA D 110 -24.49 -31.04 -2.08
N MET D 111 -23.94 -30.23 -2.99
CA MET D 111 -22.58 -30.42 -3.45
C MET D 111 -21.59 -29.39 -2.95
N ASN D 112 -22.06 -28.27 -2.42
CA ASN D 112 -21.17 -27.35 -1.76
C ASN D 112 -21.69 -27.10 -0.36
N LEU D 113 -20.87 -26.42 0.44
CA LEU D 113 -21.21 -26.20 1.85
C LEU D 113 -22.45 -25.33 2.02
N VAL D 114 -22.72 -24.39 1.12
CA VAL D 114 -23.90 -23.52 1.23
C VAL D 114 -25.18 -24.35 1.10
N ALA D 115 -25.24 -25.18 0.06
CA ALA D 115 -26.43 -26.00 -0.16
C ALA D 115 -26.58 -27.06 0.92
N THR D 116 -25.44 -27.59 1.41
CA THR D 116 -25.49 -28.55 2.50
C THR D 116 -26.01 -27.89 3.77
N THR D 117 -25.57 -26.66 4.04
CA THR D 117 -26.03 -25.96 5.22
C THR D 117 -27.54 -25.80 5.20
N VAL D 118 -28.14 -25.67 4.01
CA VAL D 118 -29.60 -25.61 3.96
C VAL D 118 -30.21 -26.87 4.60
N LEU D 119 -29.68 -28.05 4.31
CA LEU D 119 -30.23 -29.28 4.89
C LEU D 119 -29.87 -29.42 6.36
N ALA D 120 -28.67 -28.98 6.75
CA ALA D 120 -28.19 -29.17 8.10
C ALA D 120 -28.64 -28.08 9.07
N HIS D 121 -29.27 -27.05 8.58
CA HIS D 121 -29.77 -25.96 9.39
C HIS D 121 -31.12 -26.38 9.98
N PRO D 122 -31.42 -26.17 11.26
CA PRO D 122 -32.69 -26.68 11.81
C PRO D 122 -34.02 -26.17 11.24
N HIS D 123 -34.22 -24.87 11.04
CA HIS D 123 -35.54 -24.41 10.56
C HIS D 123 -35.55 -24.30 9.03
N ASN D 124 -35.62 -23.08 8.51
CA ASN D 124 -35.79 -22.86 7.08
C ASN D 124 -34.76 -21.83 6.65
N THR D 125 -34.64 -21.62 5.34
CA THR D 125 -33.62 -20.73 4.82
C THR D 125 -34.33 -19.63 4.06
N ILE D 126 -33.75 -18.44 4.15
CA ILE D 126 -34.17 -17.24 3.46
C ILE D 126 -33.19 -17.02 2.32
N PHE D 127 -33.68 -17.12 1.09
CA PHE D 127 -32.87 -16.95 -0.11
C PHE D 127 -33.11 -15.55 -0.68
N PHE D 128 -32.04 -14.93 -1.19
CA PHE D 128 -32.12 -13.66 -1.91
C PHE D 128 -31.59 -13.85 -3.33
N PRO D 129 -32.44 -14.31 -4.26
CA PRO D 129 -31.97 -14.54 -5.62
C PRO D 129 -31.50 -13.27 -6.30
N ASN D 130 -30.48 -13.43 -7.15
CA ASN D 130 -29.94 -12.35 -7.95
C ASN D 130 -29.43 -12.92 -9.26
N MET D 131 -30.01 -12.51 -10.38
CA MET D 131 -29.54 -12.97 -11.69
C MET D 131 -30.06 -11.99 -12.73
N ASN D 132 -29.54 -12.11 -13.95
CA ASN D 132 -30.09 -11.24 -14.98
C ASN D 132 -31.49 -11.70 -15.37
N ASP D 133 -32.22 -10.82 -16.02
CA ASP D 133 -33.61 -11.12 -16.36
C ASP D 133 -33.73 -12.31 -17.30
N LEU D 134 -32.67 -12.59 -18.06
CA LEU D 134 -32.69 -13.73 -18.96
C LEU D 134 -32.80 -15.04 -18.18
N MET D 135 -31.90 -15.26 -17.22
CA MET D 135 -31.95 -16.49 -16.43
C MET D 135 -33.20 -16.56 -15.57
N TRP D 136 -33.67 -15.41 -15.10
CA TRP D 136 -34.85 -15.36 -14.22
C TRP D 136 -36.11 -15.81 -14.95
N ASN D 137 -36.16 -15.65 -16.26
CA ASN D 137 -37.33 -16.04 -17.05
C ASN D 137 -37.21 -17.45 -17.60
N LYS D 138 -36.23 -18.22 -17.15
CA LYS D 138 -36.16 -19.62 -17.52
C LYS D 138 -37.14 -20.41 -16.67
N THR D 139 -37.81 -21.38 -17.29
CA THR D 139 -38.87 -22.12 -16.64
C THR D 139 -38.38 -22.85 -15.38
N VAL D 140 -37.24 -23.54 -15.48
CA VAL D 140 -36.74 -24.30 -14.34
C VAL D 140 -36.51 -23.40 -13.13
N VAL D 141 -36.09 -22.16 -13.34
CA VAL D 141 -35.78 -21.29 -12.22
C VAL D 141 -37.05 -20.98 -11.44
N SER D 142 -38.12 -20.61 -12.14
CA SER D 142 -39.40 -20.36 -11.49
C SER D 142 -39.92 -21.62 -10.80
N ARG D 143 -39.81 -22.77 -11.47
CA ARG D 143 -40.24 -24.03 -10.87
C ARG D 143 -39.51 -24.30 -9.57
N ASN D 144 -38.19 -24.07 -9.55
CA ASN D 144 -37.43 -24.33 -8.34
C ASN D 144 -37.77 -23.31 -7.26
N ILE D 145 -38.00 -22.05 -7.62
CA ILE D 145 -38.43 -21.06 -6.62
C ILE D 145 -39.73 -21.54 -5.98
N GLU D 146 -40.69 -21.94 -6.79
CA GLU D 146 -41.97 -22.33 -6.24
C GLU D 146 -41.85 -23.59 -5.40
N GLN D 147 -40.93 -24.49 -5.78
CA GLN D 147 -40.72 -25.69 -4.96
C GLN D 147 -40.10 -25.34 -3.62
N LEU D 148 -39.15 -24.41 -3.60
CA LEU D 148 -38.57 -23.96 -2.34
C LEU D 148 -39.63 -23.32 -1.46
N ARG D 149 -40.51 -22.51 -2.06
CA ARG D 149 -41.57 -21.90 -1.27
C ARG D 149 -42.52 -22.95 -0.71
N LYS D 150 -42.89 -23.94 -1.52
CA LYS D 150 -43.78 -25.00 -1.05
C LYS D 150 -43.13 -25.85 0.03
N ASP D 151 -41.80 -25.92 0.09
CA ASP D 151 -41.12 -26.72 1.09
C ASP D 151 -40.85 -25.95 2.36
N GLY D 152 -41.33 -24.72 2.47
CA GLY D 152 -41.20 -23.94 3.68
C GLY D 152 -40.12 -22.89 3.67
N HIS D 153 -39.25 -22.88 2.66
CA HIS D 153 -38.23 -21.83 2.58
C HIS D 153 -38.85 -20.54 2.08
N ILE D 154 -38.15 -19.44 2.32
CA ILE D 154 -38.59 -18.12 1.92
C ILE D 154 -37.67 -17.62 0.83
N VAL D 155 -38.25 -17.11 -0.26
CA VAL D 155 -37.48 -16.58 -1.39
C VAL D 155 -37.86 -15.12 -1.57
N ILE D 156 -36.96 -14.21 -1.18
CA ILE D 156 -37.21 -12.78 -1.31
C ILE D 156 -37.11 -12.37 -2.78
N GLU D 157 -38.11 -11.66 -3.26
CA GLU D 157 -38.15 -11.28 -4.67
C GLU D 157 -37.13 -10.19 -4.97
N PRO D 158 -36.36 -10.31 -6.04
CA PRO D 158 -35.49 -9.22 -6.47
C PRO D 158 -36.31 -8.15 -7.19
N VAL D 159 -35.64 -7.04 -7.50
CA VAL D 159 -36.30 -5.91 -8.15
C VAL D 159 -35.73 -5.74 -9.55
N GLU D 160 -36.61 -5.38 -10.48
CA GLU D 160 -36.22 -5.20 -11.87
C GLU D 160 -35.53 -3.84 -12.01
N ILE D 161 -34.27 -3.84 -12.44
CA ILE D 161 -33.51 -2.63 -12.70
C ILE D 161 -32.74 -2.79 -14.01
N MET D 162 -32.07 -1.73 -14.42
CA MET D 162 -31.16 -1.73 -15.56
C MET D 162 -29.75 -1.63 -15.00
N ALA D 163 -29.04 -2.75 -14.99
CA ALA D 163 -27.69 -2.79 -14.47
C ALA D 163 -26.72 -3.16 -15.58
N PHE D 164 -25.44 -3.00 -15.28
CA PHE D 164 -24.37 -3.45 -16.16
C PHE D 164 -24.43 -4.96 -16.35
N GLU D 165 -24.28 -5.40 -17.59
CA GLU D 165 -24.21 -6.83 -17.89
C GLU D 165 -22.75 -7.15 -18.20
N ILE D 166 -22.12 -7.83 -17.25
CA ILE D 166 -20.78 -8.39 -17.37
C ILE D 166 -20.54 -9.03 -18.74
N ALA D 167 -21.56 -9.73 -19.24
CA ALA D 167 -21.41 -10.44 -20.51
C ALA D 167 -21.39 -9.48 -21.69
N THR D 168 -22.21 -8.42 -21.66
CA THR D 168 -22.38 -7.55 -22.81
C THR D 168 -21.66 -6.22 -22.71
N GLY D 169 -21.22 -5.82 -21.51
CA GLY D 169 -20.54 -4.54 -21.35
C GLY D 169 -21.46 -3.35 -21.52
N THR D 170 -22.77 -3.62 -21.58
CA THR D 170 -23.80 -2.61 -21.69
C THR D 170 -24.87 -2.90 -20.64
N ARG D 171 -25.79 -1.96 -20.46
CA ARG D 171 -26.86 -2.12 -19.48
C ARG D 171 -27.98 -2.95 -20.10
N LYS D 172 -28.27 -4.09 -19.50
CA LYS D 172 -29.39 -4.95 -19.88
C LYS D 172 -30.32 -5.04 -18.67
N PRO D 173 -31.52 -5.61 -18.82
CA PRO D 173 -32.40 -5.73 -17.66
C PRO D 173 -31.89 -6.81 -16.70
N ASN D 174 -31.87 -6.48 -15.42
CA ASN D 174 -31.34 -7.37 -14.40
C ASN D 174 -32.28 -7.43 -13.21
N ARG D 175 -32.32 -8.58 -12.56
CA ARG D 175 -33.11 -8.82 -11.36
C ARG D 175 -32.14 -8.71 -10.18
N GLY D 176 -32.15 -7.58 -9.47
CA GLY D 176 -31.15 -7.31 -8.47
C GLY D 176 -31.67 -7.31 -7.04
N LEU D 177 -30.73 -7.17 -6.10
CA LEU D 177 -31.06 -7.25 -4.69
C LEU D 177 -31.74 -5.98 -4.17
N ILE D 178 -32.54 -6.16 -3.12
CA ILE D 178 -33.14 -5.02 -2.43
C ILE D 178 -32.04 -4.38 -1.57
N THR D 179 -32.28 -3.16 -1.11
CA THR D 179 -31.31 -2.46 -0.29
C THR D 179 -31.06 -3.20 1.03
N PRO D 180 -29.93 -2.93 1.69
CA PRO D 180 -29.67 -3.58 2.98
C PRO D 180 -30.76 -3.40 4.03
N ASP D 181 -31.43 -2.24 4.08
CA ASP D 181 -32.51 -2.10 5.05
C ASP D 181 -33.73 -2.94 4.65
N LYS D 182 -34.10 -2.94 3.37
CA LYS D 182 -35.22 -3.79 2.99
C LYS D 182 -34.89 -5.27 3.19
N ALA D 183 -33.62 -5.64 3.01
CA ALA D 183 -33.22 -7.01 3.31
C ALA D 183 -33.33 -7.29 4.80
N LEU D 184 -32.89 -6.35 5.64
CA LEU D 184 -33.03 -6.53 7.08
C LEU D 184 -34.49 -6.72 7.47
N LEU D 185 -35.38 -5.93 6.86
CA LEU D 185 -36.81 -6.14 7.06
C LEU D 185 -37.24 -7.54 6.60
N ALA D 186 -36.71 -8.00 5.47
CA ALA D 186 -37.10 -9.31 4.98
C ALA D 186 -36.69 -10.41 5.94
N ILE D 187 -35.50 -10.28 6.53
CA ILE D 187 -35.02 -11.27 7.51
C ILE D 187 -35.89 -11.24 8.76
N GLU D 188 -36.17 -10.04 9.28
CA GLU D 188 -37.05 -9.89 10.43
C GLU D 188 -38.42 -10.53 10.17
N GLN D 189 -39.04 -10.15 9.05
CA GLN D 189 -40.34 -10.68 8.66
C GLN D 189 -40.31 -12.20 8.56
N GLY D 190 -39.28 -12.75 7.90
CA GLY D 190 -39.20 -14.20 7.73
C GLY D 190 -39.03 -14.94 9.05
N PHE D 191 -38.20 -14.40 9.94
CA PHE D 191 -38.03 -14.99 11.25
C PHE D 191 -39.37 -15.01 12.00
N ALA D 192 -40.08 -13.87 12.00
CA ALA D 192 -41.39 -13.83 12.63
C ALA D 192 -42.37 -14.79 11.96
N PHE D 193 -42.26 -14.95 10.64
CA PHE D 193 -43.09 -15.92 9.92
C PHE D 193 -42.91 -17.31 10.49
N TYR D 194 -41.67 -17.81 10.51
CA TYR D 194 -41.45 -19.18 10.98
C TYR D 194 -41.84 -19.33 12.45
N GLU D 195 -41.50 -18.34 13.28
CA GLU D 195 -41.78 -18.48 14.71
C GLU D 195 -43.28 -18.50 14.97
N ILE D 196 -44.03 -17.65 14.28
CA ILE D 196 -45.47 -17.62 14.46
C ILE D 196 -46.09 -18.89 13.88
N LEU D 197 -45.58 -19.35 12.74
CA LEU D 197 -46.11 -20.55 12.12
C LEU D 197 -45.92 -21.78 12.98
N HIS D 198 -44.93 -21.79 13.89
CA HIS D 198 -44.66 -22.99 14.68
C HIS D 198 -44.89 -22.77 16.18
N LEU D 199 -45.82 -21.88 16.52
CA LEU D 199 -46.24 -21.71 17.90
C LEU D 199 -47.28 -22.77 18.24
N PRO D 200 -47.08 -23.56 19.29
CA PRO D 200 -47.93 -24.73 19.55
C PRO D 200 -49.39 -24.40 19.89
N ASN D 201 -49.61 -23.50 20.86
CA ASN D 201 -50.94 -23.33 21.46
C ASN D 201 -51.70 -22.17 20.81
N LEU D 202 -51.87 -22.27 19.49
CA LEU D 202 -52.63 -21.28 18.72
C LEU D 202 -53.47 -22.01 17.69
N ASN D 203 -54.54 -21.34 17.25
CA ASN D 203 -55.47 -21.91 16.30
C ASN D 203 -55.34 -21.20 14.96
N GLU D 204 -55.91 -21.83 13.92
CA GLU D 204 -55.70 -21.36 12.56
C GLU D 204 -56.13 -19.90 12.37
N GLU D 205 -57.17 -19.46 13.07
CA GLU D 205 -57.66 -18.10 12.84
C GLU D 205 -56.71 -17.06 13.43
N GLN D 206 -56.20 -17.30 14.63
CA GLN D 206 -55.24 -16.37 15.22
C GLN D 206 -53.92 -16.40 14.49
N ARG D 207 -53.53 -17.57 13.99
CA ARG D 207 -52.27 -17.70 13.27
C ARG D 207 -52.34 -16.96 11.94
N ASN D 208 -53.40 -17.19 11.16
CA ASN D 208 -53.55 -16.43 9.93
C ASN D 208 -53.76 -14.95 10.21
N ALA D 209 -54.28 -14.60 11.39
CA ALA D 209 -54.37 -13.20 11.78
C ALA D 209 -52.98 -12.60 11.97
N PHE D 210 -52.09 -13.31 12.66
CA PHE D 210 -50.74 -12.80 12.84
C PHE D 210 -49.95 -12.81 11.54
N ILE D 211 -50.22 -13.77 10.64
CA ILE D 211 -49.47 -13.83 9.40
C ILE D 211 -49.92 -12.73 8.46
N GLN D 212 -51.22 -12.47 8.37
CA GLN D 212 -51.69 -11.46 7.43
C GLN D 212 -51.18 -10.08 7.79
N SER D 213 -51.04 -9.78 9.07
CA SER D 213 -50.49 -8.50 9.46
C SER D 213 -48.97 -8.44 9.30
N LEU D 214 -48.30 -9.58 9.13
CA LEU D 214 -46.88 -9.53 8.81
C LEU D 214 -46.66 -9.22 7.33
N LYS D 215 -47.54 -9.71 6.46
CA LYS D 215 -47.47 -9.44 5.03
C LYS D 215 -47.93 -8.04 4.66
N ASP D 216 -48.51 -7.29 5.59
CA ASP D 216 -48.94 -5.93 5.33
C ASP D 216 -48.04 -4.88 5.96
N ASP D 217 -47.31 -5.23 7.01
CA ASP D 217 -46.38 -4.29 7.65
C ASP D 217 -45.28 -5.09 8.33
N PRO D 218 -44.17 -5.34 7.63
CA PRO D 218 -43.11 -6.15 8.23
C PRO D 218 -42.34 -5.43 9.33
N SER D 219 -42.34 -4.10 9.35
CA SER D 219 -41.71 -3.39 10.46
C SER D 219 -42.44 -3.61 11.77
N GLN D 220 -43.58 -4.28 11.73
CA GLN D 220 -44.32 -4.62 12.93
C GLN D 220 -43.93 -5.99 13.48
N SER D 221 -42.96 -6.66 12.85
CA SER D 221 -42.59 -8.02 13.25
C SER D 221 -42.32 -8.12 14.74
N ALA D 222 -41.53 -7.19 15.28
CA ALA D 222 -41.20 -7.23 16.69
C ALA D 222 -42.46 -7.21 17.54
N ASN D 223 -43.37 -6.28 17.24
CA ASN D 223 -44.57 -6.18 18.06
C ASN D 223 -45.49 -7.38 17.82
N LEU D 224 -45.51 -7.90 16.59
CA LEU D 224 -46.39 -9.03 16.32
C LEU D 224 -45.89 -10.28 17.02
N LEU D 225 -44.63 -10.63 16.81
CA LEU D 225 -44.08 -11.82 17.46
C LEU D 225 -44.20 -11.71 18.98
N ALA D 226 -43.87 -10.55 19.54
CA ALA D 226 -43.97 -10.38 20.99
C ALA D 226 -45.39 -10.63 21.47
N GLU D 227 -46.40 -10.25 20.69
CA GLU D 227 -47.74 -10.53 21.15
C GLU D 227 -48.15 -11.97 20.89
N ALA D 228 -47.61 -12.58 19.83
CA ALA D 228 -47.99 -13.95 19.52
C ALA D 228 -47.43 -14.90 20.56
N LYS D 229 -46.28 -14.56 21.16
CA LYS D 229 -45.78 -15.40 22.23
C LYS D 229 -46.65 -15.28 23.47
N LYS D 230 -47.17 -14.09 23.77
CA LYS D 230 -47.91 -13.97 25.01
C LYS D 230 -49.30 -14.56 24.90
N LEU D 231 -49.89 -14.56 23.69
CA LEU D 231 -51.10 -15.35 23.49
C LEU D 231 -50.82 -16.85 23.46
N ASN D 232 -49.57 -17.25 23.17
CA ASN D 232 -49.22 -18.67 23.22
C ASN D 232 -49.30 -19.20 24.63
N ASP D 233 -48.55 -18.59 25.55
CA ASP D 233 -48.51 -19.08 26.93
C ASP D 233 -49.85 -18.89 27.64
N ALA D 234 -50.63 -17.88 27.25
CA ALA D 234 -51.94 -17.67 27.83
C ALA D 234 -52.93 -18.76 27.41
N GLN D 235 -52.61 -19.50 26.36
CA GLN D 235 -53.49 -20.56 25.86
C GLN D 235 -52.89 -21.95 26.01
N ALA D 236 -51.81 -22.09 26.78
CA ALA D 236 -51.21 -23.40 27.06
C ALA D 236 -52.22 -24.35 27.70
#